data_3DJD
#
_entry.id   3DJD
#
_cell.length_a   74.310
_cell.length_b   54.266
_cell.length_c   106.252
_cell.angle_alpha   90.00
_cell.angle_beta   95.92
_cell.angle_gamma   90.00
#
_symmetry.space_group_name_H-M   'P 1 21 1'
#
loop_
_entity.id
_entity.type
_entity.pdbx_description
1 polymer 'Fructosyl amine: oxygen oxidoreductase'
2 non-polymer 'FLAVIN-ADENINE DINUCLEOTIDE'
3 water water
#
_entity_poly.entity_id   1
_entity_poly.type   'polypeptide(L)'
_entity_poly.pdbx_seq_one_letter_code
;(MSE)AVTKSSSLLIVGAGTWGTSTALHLARRGYTNVTVLDPYPVPSAISAGNDVNKVISSGQYSNNKDEIEVNEILAEE
AFNGWKNDPLFKPYYHDTGLL(MSE)SACSQEGLDRLGVRVRPGEDPNLVELTRPEQFRKLAPEGVLQGDFPGWKGYFAR
SGAGWAHARNALVAAAREAQR(MSE)GVKFVTGTPQGRVVTLIFENNDVKGAVTADGKIWRAERTFLCAGASAGQFLDFK
NQLRPTAWTLVHIALKPEERALYKNIPVIFNIERGFFFEPDEERGEIKICDEHPGYTN(MSE)VQSADGT(MSE)(MSE)
SIPFEKTQIPKEAETRVRALLKET(MSE)PQLADRPFSFARICWCADTANREFLIDRHPQYHSLVLGCGASGRGFKYLPS
IGNLIVDA(MSE)EGKVPQKIHELIKWNPDIAANRNWRDTLGRFGGPNRV(MSE)DFHDVKEWTNVQYRDISKL
;
_entity_poly.pdbx_strand_id   A,B
#
loop_
_chem_comp.id
_chem_comp.type
_chem_comp.name
_chem_comp.formula
FAD non-polymer 'FLAVIN-ADENINE DINUCLEOTIDE' 'C27 H33 N9 O15 P2'
#
# COMPACT_ATOMS: atom_id res chain seq x y z
N VAL A 3 -15.59 2.29 34.58
CA VAL A 3 -15.32 2.14 33.08
C VAL A 3 -16.62 2.17 32.29
N THR A 4 -16.69 3.10 31.34
CA THR A 4 -17.84 3.28 30.49
C THR A 4 -17.36 3.24 29.04
N LYS A 5 -18.30 3.25 28.10
CA LYS A 5 -17.87 3.19 26.68
C LYS A 5 -17.03 4.39 26.25
N SER A 6 -17.17 5.52 26.95
CA SER A 6 -16.40 6.75 26.60
C SER A 6 -15.13 6.94 27.46
N SER A 7 -14.86 5.97 28.32
CA SER A 7 -13.66 6.02 29.20
C SER A 7 -12.41 6.12 28.35
N SER A 8 -11.45 6.93 28.77
N SER A 8 -11.46 6.94 28.78
CA SER A 8 -10.16 6.96 28.08
CA SER A 8 -10.15 6.94 28.14
C SER A 8 -9.44 5.63 28.28
C SER A 8 -9.52 5.55 28.30
N LEU A 9 -9.22 4.91 27.17
CA LEU A 9 -8.52 3.62 27.19
C LEU A 9 -7.25 3.75 26.37
N LEU A 10 -6.16 3.21 26.91
CA LEU A 10 -4.84 3.34 26.27
C LEU A 10 -4.26 1.97 25.97
N ILE A 11 -3.72 1.80 24.77
CA ILE A 11 -3.11 0.53 24.40
C ILE A 11 -1.67 0.85 24.05
N VAL A 12 -0.76 0.16 24.73
CA VAL A 12 0.68 0.28 24.48
C VAL A 12 1.04 -0.81 23.49
N GLY A 13 1.32 -0.41 22.26
CA GLY A 13 1.72 -1.31 21.17
C GLY A 13 0.61 -1.46 20.14
N ALA A 14 0.92 -1.14 18.88
CA ALA A 14 -0.03 -1.27 17.76
C ALA A 14 0.34 -2.48 16.88
N GLY A 15 0.87 -3.52 17.53
CA GLY A 15 1.22 -4.79 16.87
C GLY A 15 0.01 -5.68 16.73
N THR A 16 0.24 -7.00 16.65
CA THR A 16 -0.83 -7.95 16.36
C THR A 16 -1.94 -7.84 17.40
N TRP A 17 -1.55 -8.00 18.67
CA TRP A 17 -2.55 -8.04 19.75
C TRP A 17 -3.11 -6.68 20.16
N GLY A 18 -2.27 -5.63 20.11
CA GLY A 18 -2.73 -4.26 20.39
C GLY A 18 -3.78 -3.85 19.37
N THR A 19 -3.51 -4.14 18.09
CA THR A 19 -4.43 -3.83 17.02
C THR A 19 -5.72 -4.68 17.16
N SER A 20 -5.61 -5.97 17.45
CA SER A 20 -6.81 -6.81 17.66
C SER A 20 -7.68 -6.20 18.78
N THR A 21 -7.01 -5.79 19.86
CA THR A 21 -7.68 -5.15 21.00
C THR A 21 -8.40 -3.84 20.61
N ALA A 22 -7.68 -2.98 19.88
CA ALA A 22 -8.25 -1.74 19.38
C ALA A 22 -9.50 -2.01 18.54
N LEU A 23 -9.37 -2.96 17.61
CA LEU A 23 -10.47 -3.33 16.72
C LEU A 23 -11.72 -3.78 17.51
N HIS A 24 -11.49 -4.66 18.48
CA HIS A 24 -12.61 -5.23 19.24
C HIS A 24 -13.23 -4.26 20.26
N LEU A 25 -12.40 -3.39 20.87
CA LEU A 25 -12.92 -2.29 21.67
C LEU A 25 -13.88 -1.44 20.81
N ALA A 26 -13.43 -1.11 19.59
CA ALA A 26 -14.23 -0.24 18.70
C ALA A 26 -15.51 -0.96 18.30
N ARG A 27 -15.40 -2.24 17.95
CA ARG A 27 -16.58 -3.03 17.59
C ARG A 27 -17.59 -3.08 18.74
N ARG A 28 -17.08 -3.20 19.96
CA ARG A 28 -17.96 -3.34 21.15
C ARG A 28 -18.45 -2.01 21.69
N GLY A 29 -18.06 -0.95 21.01
CA GLY A 29 -18.69 0.38 21.16
C GLY A 29 -17.90 1.41 21.94
N TYR A 30 -16.67 1.09 22.32
CA TYR A 30 -15.78 2.07 22.97
C TYR A 30 -15.38 3.18 22.02
N THR A 31 -15.38 4.42 22.51
CA THR A 31 -15.26 5.62 21.67
C THR A 31 -14.03 6.49 21.98
N ASN A 32 -13.27 6.13 23.00
CA ASN A 32 -12.17 6.95 23.41
C ASN A 32 -10.89 6.12 23.62
N VAL A 33 -10.46 5.43 22.55
CA VAL A 33 -9.29 4.53 22.61
C VAL A 33 -8.13 5.16 21.87
N THR A 34 -6.95 5.10 22.47
CA THR A 34 -5.72 5.62 21.87
C THR A 34 -4.69 4.50 21.89
N VAL A 35 -3.98 4.33 20.77
CA VAL A 35 -2.97 3.29 20.66
C VAL A 35 -1.63 4.00 20.40
N LEU A 36 -0.61 3.62 21.16
CA LEU A 36 0.73 4.22 21.04
C LEU A 36 1.71 3.21 20.47
N ASP A 37 2.53 3.63 19.49
CA ASP A 37 3.59 2.72 19.01
C ASP A 37 4.76 3.56 18.48
N PRO A 38 6.03 3.15 18.77
CA PRO A 38 7.19 3.92 18.26
C PRO A 38 7.40 3.83 16.75
N TYR A 39 6.69 2.89 16.09
CA TYR A 39 6.80 2.73 14.62
C TYR A 39 5.44 2.96 13.97
N PRO A 40 5.42 3.48 12.74
CA PRO A 40 4.17 3.57 11.97
C PRO A 40 3.57 2.19 11.74
N VAL A 41 2.25 2.10 11.68
CA VAL A 41 1.61 0.82 11.33
C VAL A 41 1.90 0.57 9.83
N PRO A 42 2.42 -0.64 9.47
CA PRO A 42 2.73 -1.78 10.32
C PRO A 42 4.15 -1.67 10.90
N SER A 43 4.28 -1.84 12.21
CA SER A 43 5.57 -1.64 12.86
C SER A 43 6.64 -2.60 12.34
N ALA A 44 7.82 -2.06 12.05
CA ALA A 44 8.95 -2.85 11.56
C ALA A 44 9.39 -3.89 12.60
N ILE A 45 9.05 -3.66 13.86
CA ILE A 45 9.37 -4.61 14.92
C ILE A 45 8.20 -5.49 15.39
N SER A 46 7.05 -5.32 14.77
CA SER A 46 5.95 -6.23 15.06
C SER A 46 6.24 -7.60 14.45
N ALA A 47 6.11 -8.65 15.27
CA ALA A 47 6.20 -10.03 14.74
C ALA A 47 5.11 -10.28 13.70
N GLY A 48 4.04 -9.47 13.71
CA GLY A 48 2.94 -9.66 12.72
C GLY A 48 3.28 -9.05 11.34
N ASN A 49 4.33 -8.24 11.28
CA ASN A 49 4.68 -7.56 10.03
C ASN A 49 5.52 -8.49 9.16
N ASP A 50 4.80 -9.37 8.45
CA ASP A 50 5.40 -10.48 7.70
C ASP A 50 4.45 -10.72 6.51
N VAL A 51 5.01 -11.11 5.37
CA VAL A 51 4.18 -11.33 4.19
C VAL A 51 3.30 -12.58 4.27
N ASN A 52 3.64 -13.47 5.22
CA ASN A 52 2.81 -14.61 5.52
C ASN A 52 3.05 -15.21 6.91
N LYS A 53 2.00 -15.81 7.43
CA LYS A 53 2.06 -16.63 8.65
C LYS A 53 1.25 -17.89 8.44
N VAL A 54 1.62 -18.95 9.14
CA VAL A 54 0.87 -20.20 9.06
C VAL A 54 -0.41 -20.06 9.86
N ILE A 55 -1.49 -20.52 9.26
CA ILE A 55 -2.80 -20.48 9.92
C ILE A 55 -3.38 -21.87 9.89
N SER A 56 -3.54 -22.48 11.04
CA SER A 56 -4.14 -23.81 11.06
C SER A 56 -5.45 -23.91 11.84
N SER A 57 -6.22 -24.94 11.44
N SER A 57 -6.23 -24.95 11.55
CA SER A 57 -7.35 -25.52 12.16
CA SER A 57 -7.43 -25.35 12.31
C SER A 57 -8.70 -25.21 11.52
C SER A 57 -8.72 -24.76 11.74
N GLU A 68 -10.95 -28.38 26.03
CA GLU A 68 -9.63 -27.80 25.82
C GLU A 68 -9.72 -26.31 25.45
N VAL A 69 -9.02 -25.51 26.24
CA VAL A 69 -9.06 -24.05 26.13
C VAL A 69 -8.40 -23.59 24.83
N ASN A 70 -7.30 -24.23 24.49
CA ASN A 70 -6.57 -23.84 23.31
C ASN A 70 -7.40 -24.11 22.05
N GLU A 71 -8.16 -25.22 22.07
CA GLU A 71 -9.01 -25.54 20.93
C GLU A 71 -10.15 -24.51 20.75
N ILE A 72 -10.74 -24.06 21.86
CA ILE A 72 -11.79 -23.02 21.84
C ILE A 72 -11.26 -21.71 21.22
N LEU A 73 -10.11 -21.25 21.71
CA LEU A 73 -9.53 -19.98 21.22
C LEU A 73 -9.09 -20.10 19.77
N ALA A 74 -8.46 -21.22 19.42
CA ALA A 74 -8.05 -21.48 18.03
C ALA A 74 -9.25 -21.53 17.06
N GLU A 75 -10.35 -22.12 17.51
CA GLU A 75 -11.59 -22.22 16.74
C GLU A 75 -12.14 -20.83 16.46
N GLU A 76 -12.18 -19.99 17.48
CA GLU A 76 -12.68 -18.64 17.32
C GLU A 76 -11.78 -17.88 16.33
N ALA A 77 -10.46 -18.11 16.42
CA ALA A 77 -9.52 -17.41 15.54
C ALA A 77 -9.76 -17.84 14.09
N PHE A 78 -9.80 -19.16 13.88
CA PHE A 78 -10.00 -19.67 12.52
C PHE A 78 -11.32 -19.23 11.90
N ASN A 79 -12.37 -19.18 12.73
CA ASN A 79 -13.66 -18.68 12.31
C ASN A 79 -13.57 -17.26 11.80
N GLY A 80 -12.70 -16.45 12.41
CA GLY A 80 -12.48 -15.06 11.97
C GLY A 80 -11.89 -15.07 10.56
N TRP A 81 -10.86 -15.89 10.35
CA TRP A 81 -10.23 -15.97 9.02
C TRP A 81 -11.21 -16.47 7.95
N LYS A 82 -12.12 -17.36 8.34
CA LYS A 82 -13.04 -17.94 7.35
C LYS A 82 -14.27 -17.07 7.10
N ASN A 83 -14.73 -16.36 8.14
CA ASN A 83 -16.06 -15.75 8.14
C ASN A 83 -16.16 -14.25 8.37
N ASP A 84 -15.11 -13.64 8.93
CA ASP A 84 -15.14 -12.20 9.15
C ASP A 84 -14.69 -11.50 7.86
N PRO A 85 -15.58 -10.70 7.24
CA PRO A 85 -15.21 -10.11 5.93
C PRO A 85 -14.02 -9.17 5.99
N LEU A 86 -13.65 -8.69 7.18
CA LEU A 86 -12.43 -7.91 7.31
C LEU A 86 -11.17 -8.76 7.10
N PHE A 87 -11.22 -10.02 7.53
CA PHE A 87 -10.04 -10.90 7.53
C PHE A 87 -9.98 -11.90 6.37
N LYS A 88 -11.17 -12.28 5.88
CA LYS A 88 -11.25 -13.22 4.75
C LYS A 88 -10.31 -12.94 3.56
N PRO A 89 -10.18 -11.67 3.13
CA PRO A 89 -9.33 -11.36 1.96
C PRO A 89 -7.87 -11.80 2.09
N TYR A 90 -7.40 -12.02 3.31
CA TYR A 90 -5.96 -12.27 3.58
C TYR A 90 -5.67 -13.74 3.82
N TYR A 91 -6.71 -14.55 3.92
CA TYR A 91 -6.54 -15.98 4.23
C TYR A 91 -6.59 -16.87 2.98
N HIS A 92 -5.60 -17.76 2.86
CA HIS A 92 -5.48 -18.68 1.72
C HIS A 92 -5.48 -20.12 2.22
N ASP A 93 -6.53 -20.88 1.86
CA ASP A 93 -6.70 -22.24 2.34
C ASP A 93 -5.96 -23.22 1.41
N THR A 94 -4.62 -23.12 1.44
CA THR A 94 -3.74 -23.87 0.54
C THR A 94 -3.51 -25.32 0.99
N GLY A 95 -3.87 -25.59 2.23
CA GLY A 95 -3.43 -26.82 2.90
C GLY A 95 -2.04 -26.62 3.52
N LEU A 96 -1.67 -27.58 4.35
CA LEU A 96 -0.46 -27.50 5.15
C LEU A 96 0.13 -28.89 5.39
N LEU A 97 1.42 -29.04 5.08
CA LEU A 97 2.19 -30.21 5.49
C LEU A 97 2.79 -29.95 6.88
N MSE A 98 2.57 -30.87 7.81
CA MSE A 98 3.22 -30.81 9.13
C MSE A 98 4.07 -32.05 9.25
O MSE A 98 3.56 -33.17 9.25
CB MSE A 98 2.20 -30.77 10.26
CG MSE A 98 1.23 -29.59 10.21
SE MSE A 98 -0.47 -30.05 11.07
CE MSE A 98 -1.31 -30.97 9.54
N SER A 99 5.38 -31.85 9.31
CA SER A 99 6.30 -32.98 9.23
C SER A 99 7.47 -32.90 10.21
N ALA A 100 8.23 -34.00 10.24
CA ALA A 100 9.40 -34.11 11.13
C ALA A 100 10.36 -35.14 10.57
N CYS A 101 11.52 -35.26 11.22
CA CYS A 101 12.61 -36.13 10.74
C CYS A 101 12.99 -37.23 11.73
N SER A 102 12.54 -37.07 12.98
CA SER A 102 12.88 -37.98 14.08
C SER A 102 11.60 -38.32 14.82
N GLN A 103 11.62 -39.39 15.60
CA GLN A 103 10.42 -39.79 16.34
C GLN A 103 10.02 -38.75 17.39
N GLU A 104 11.01 -38.17 18.05
CA GLU A 104 10.81 -37.08 19.00
C GLU A 104 10.06 -35.92 18.34
N GLY A 105 10.49 -35.53 17.14
CA GLY A 105 9.84 -34.47 16.37
C GLY A 105 8.44 -34.88 15.94
N LEU A 106 8.31 -36.10 15.44
CA LEU A 106 7.03 -36.61 14.96
C LEU A 106 5.98 -36.67 16.07
N ASP A 107 6.37 -37.23 17.22
CA ASP A 107 5.57 -37.25 18.45
C ASP A 107 5.04 -35.87 18.81
N ARG A 108 5.89 -34.85 18.68
CA ARG A 108 5.53 -33.48 19.04
C ARG A 108 4.41 -32.89 18.17
N LEU A 109 4.35 -33.29 16.90
CA LEU A 109 3.25 -32.96 15.96
C LEU A 109 3.58 -33.37 14.51
N GLU A 117 -11.20 -39.94 12.62
CA GLU A 117 -10.72 -39.97 11.24
C GLU A 117 -11.08 -38.67 10.53
N ASP A 118 -10.05 -37.93 10.14
CA ASP A 118 -10.19 -36.68 9.42
C ASP A 118 -10.06 -36.98 7.92
N PRO A 119 -11.11 -36.67 7.10
CA PRO A 119 -10.99 -37.06 5.69
C PRO A 119 -9.93 -36.24 4.96
N ASN A 120 -9.56 -35.12 5.56
CA ASN A 120 -8.68 -34.17 4.90
C ASN A 120 -7.25 -34.25 5.40
N LEU A 121 -6.93 -35.32 6.12
CA LEU A 121 -5.57 -35.53 6.62
C LEU A 121 -4.97 -36.84 6.09
N VAL A 122 -3.80 -36.76 5.50
CA VAL A 122 -3.12 -37.94 4.97
C VAL A 122 -1.71 -38.08 5.58
N GLU A 123 -1.28 -39.33 5.80
CA GLU A 123 0.10 -39.60 6.25
C GLU A 123 1.04 -39.71 5.06
N LEU A 124 2.23 -39.11 5.18
CA LEU A 124 3.30 -39.20 4.19
C LEU A 124 4.57 -39.76 4.83
N THR A 125 5.18 -40.74 4.18
CA THR A 125 6.46 -41.33 4.66
C THR A 125 7.48 -41.51 3.56
N ARG A 126 7.07 -41.25 2.32
CA ARG A 126 7.91 -41.50 1.15
C ARG A 126 8.19 -40.21 0.40
N PRO A 127 9.47 -39.99 0.03
CA PRO A 127 9.90 -38.81 -0.71
C PRO A 127 8.99 -38.44 -1.90
N GLU A 128 8.56 -39.42 -2.70
CA GLU A 128 7.72 -39.14 -3.86
C GLU A 128 6.40 -38.46 -3.47
N GLN A 129 5.85 -38.87 -2.33
CA GLN A 129 4.61 -38.30 -1.80
C GLN A 129 4.79 -36.82 -1.49
N PHE A 130 5.94 -36.47 -0.92
CA PHE A 130 6.22 -35.06 -0.61
C PHE A 130 6.36 -34.26 -1.89
N ARG A 131 7.13 -34.78 -2.85
CA ARG A 131 7.34 -34.07 -4.11
C ARG A 131 6.01 -33.76 -4.81
N LYS A 132 5.04 -34.66 -4.68
CA LYS A 132 3.76 -34.53 -5.40
C LYS A 132 2.80 -33.52 -4.77
N LEU A 133 3.23 -32.87 -3.69
CA LEU A 133 2.39 -31.85 -3.04
C LEU A 133 2.35 -30.56 -3.85
N ALA A 134 3.26 -30.45 -4.81
CA ALA A 134 3.38 -29.29 -5.69
C ALA A 134 3.55 -29.78 -7.14
N PRO A 135 3.29 -28.90 -8.13
CA PRO A 135 3.58 -29.22 -9.54
C PRO A 135 5.02 -29.68 -9.72
N GLU A 136 5.25 -30.58 -10.68
CA GLU A 136 6.60 -31.01 -10.94
C GLU A 136 7.51 -29.83 -11.25
N GLY A 137 8.68 -29.83 -10.63
CA GLY A 137 9.65 -28.79 -10.81
C GLY A 137 9.72 -27.85 -9.60
N VAL A 138 8.82 -28.04 -8.65
CA VAL A 138 8.79 -27.15 -7.47
C VAL A 138 9.52 -27.80 -6.31
N LEU A 139 8.98 -28.93 -5.85
CA LEU A 139 9.59 -29.65 -4.74
C LEU A 139 10.46 -30.76 -5.33
N GLN A 140 11.68 -30.37 -5.68
CA GLN A 140 12.68 -31.21 -6.37
C GLN A 140 13.54 -32.01 -5.39
N GLY A 141 13.34 -31.78 -4.10
CA GLY A 141 14.20 -32.38 -3.08
C GLY A 141 13.92 -33.84 -2.76
N ASP A 142 14.80 -34.40 -1.94
CA ASP A 142 14.73 -35.82 -1.57
C ASP A 142 14.00 -36.07 -0.26
N PHE A 143 13.71 -35.00 0.49
CA PHE A 143 12.98 -35.10 1.76
C PHE A 143 13.48 -36.26 2.63
N PRO A 144 14.81 -36.31 2.87
CA PRO A 144 15.35 -37.56 3.40
C PRO A 144 14.87 -37.83 4.82
N GLY A 145 14.19 -38.95 5.02
CA GLY A 145 13.65 -39.31 6.33
C GLY A 145 12.49 -38.48 6.83
N TRP A 146 11.98 -37.58 5.98
CA TRP A 146 10.80 -36.79 6.32
C TRP A 146 9.59 -37.68 6.45
N LYS A 147 8.83 -37.48 7.51
CA LYS A 147 7.55 -38.14 7.68
C LYS A 147 6.57 -37.09 8.24
N GLY A 148 5.30 -37.22 7.88
CA GLY A 148 4.34 -36.24 8.38
C GLY A 148 2.90 -36.43 7.96
N TYR A 149 2.15 -35.34 8.09
CA TYR A 149 0.71 -35.32 7.84
C TYR A 149 0.39 -34.15 6.95
N PHE A 150 -0.42 -34.39 5.93
CA PHE A 150 -0.81 -33.30 5.05
C PHE A 150 -2.30 -33.04 5.22
N ALA A 151 -2.64 -31.83 5.65
CA ALA A 151 -4.03 -31.38 5.70
C ALA A 151 -4.33 -30.67 4.37
N ARG A 152 -5.21 -31.27 3.56
CA ARG A 152 -5.48 -30.73 2.21
C ARG A 152 -6.29 -29.41 2.22
N SER A 153 -7.00 -29.16 3.31
CA SER A 153 -7.84 -27.96 3.50
C SER A 153 -8.01 -27.68 4.99
N GLY A 154 -8.55 -26.51 5.33
CA GLY A 154 -8.73 -26.13 6.73
C GLY A 154 -7.43 -25.70 7.37
N ALA A 155 -6.46 -25.36 6.54
CA ALA A 155 -5.18 -24.82 7.00
C ALA A 155 -4.51 -24.14 5.82
N GLY A 156 -3.62 -23.20 6.09
CA GLY A 156 -2.96 -22.50 5.00
C GLY A 156 -2.18 -21.35 5.60
N TRP A 157 -2.36 -20.18 5.00
CA TRP A 157 -1.57 -19.02 5.38
C TRP A 157 -2.38 -17.74 5.22
N ALA A 158 -1.98 -16.71 5.98
CA ALA A 158 -2.57 -15.37 5.89
C ALA A 158 -1.51 -14.34 5.53
N HIS A 159 -1.91 -13.33 4.76
CA HIS A 159 -0.99 -12.23 4.51
C HIS A 159 -0.97 -11.34 5.75
N ALA A 160 0.02 -11.59 6.60
CA ALA A 160 -0.02 -11.08 7.97
C ALA A 160 0.01 -9.56 8.00
N ARG A 161 0.97 -8.98 7.27
CA ARG A 161 1.08 -7.52 7.24
C ARG A 161 -0.20 -6.86 6.70
N ASN A 162 -0.76 -7.38 5.60
CA ASN A 162 -1.95 -6.73 5.05
C ASN A 162 -3.14 -6.84 5.98
N ALA A 163 -3.22 -7.96 6.69
CA ALA A 163 -4.31 -8.20 7.68
C ALA A 163 -4.18 -7.26 8.88
N LEU A 164 -2.97 -7.11 9.39
CA LEU A 164 -2.65 -6.16 10.48
C LEU A 164 -3.05 -4.74 10.06
N VAL A 165 -2.63 -4.34 8.87
CA VAL A 165 -2.96 -2.99 8.37
C VAL A 165 -4.47 -2.80 8.24
N ALA A 166 -5.14 -3.79 7.64
CA ALA A 166 -6.60 -3.76 7.48
C ALA A 166 -7.30 -3.59 8.83
N ALA A 167 -6.85 -4.36 9.83
CA ALA A 167 -7.45 -4.28 11.16
C ALA A 167 -7.24 -2.91 11.80
N ALA A 168 -6.02 -2.38 11.67
CA ALA A 168 -5.71 -1.08 12.26
C ALA A 168 -6.52 0.01 11.57
N ARG A 169 -6.61 -0.06 10.25
CA ARG A 169 -7.39 0.95 9.52
C ARG A 169 -8.89 0.88 9.85
N GLU A 170 -9.43 -0.33 10.05
CA GLU A 170 -10.81 -0.47 10.44
C GLU A 170 -11.04 0.08 11.86
N ALA A 171 -10.13 -0.26 12.80
CA ALA A 171 -10.19 0.35 14.15
C ALA A 171 -10.19 1.90 14.06
N GLN A 172 -9.29 2.44 13.23
CA GLN A 172 -9.21 3.90 13.05
C GLN A 172 -10.52 4.50 12.51
N ARG A 173 -11.08 3.85 11.49
CA ARG A 173 -12.34 4.25 10.84
C ARG A 173 -13.46 4.36 11.88
N MSE A 174 -13.40 3.47 12.86
CA MSE A 174 -14.39 3.41 13.95
C MSE A 174 -14.03 4.26 15.16
O MSE A 174 -14.68 4.13 16.23
CB MSE A 174 -14.66 1.96 14.37
CG MSE A 174 -15.21 1.11 13.25
SE MSE A 174 -15.61 -0.68 13.93
CE MSE A 174 -13.80 -1.30 14.27
N GLY A 175 -13.03 5.13 15.02
CA GLY A 175 -12.76 6.15 16.03
C GLY A 175 -11.47 6.04 16.83
N VAL A 176 -10.77 4.91 16.68
CA VAL A 176 -9.58 4.68 17.49
C VAL A 176 -8.50 5.62 16.99
N LYS A 177 -7.80 6.23 17.94
CA LYS A 177 -6.71 7.17 17.60
C LYS A 177 -5.37 6.42 17.68
N PHE A 178 -4.64 6.38 16.55
CA PHE A 178 -3.32 5.76 16.53
C PHE A 178 -2.28 6.87 16.55
N VAL A 179 -1.41 6.84 17.55
CA VAL A 179 -0.32 7.80 17.68
C VAL A 179 0.96 7.03 17.48
N THR A 180 1.55 7.12 16.29
CA THR A 180 2.62 6.19 15.93
C THR A 180 3.89 6.96 15.50
N GLY A 181 5.03 6.31 15.58
CA GLY A 181 6.30 6.96 15.26
C GLY A 181 7.00 7.39 16.50
N THR A 182 8.26 7.78 16.36
CA THR A 182 9.09 8.19 17.47
C THR A 182 9.42 9.68 17.25
N PRO A 183 9.37 10.49 18.32
CA PRO A 183 9.12 10.08 19.72
C PRO A 183 7.66 10.00 20.16
N GLN A 184 6.73 10.45 19.34
N GLN A 184 6.72 10.45 19.34
CA GLN A 184 5.35 10.67 19.78
CA GLN A 184 5.33 10.67 19.82
C GLN A 184 4.62 9.41 20.28
C GLN A 184 4.62 9.41 20.31
N GLY A 185 4.97 8.26 19.72
CA GLY A 185 4.33 6.97 20.07
C GLY A 185 5.21 6.01 20.88
N ARG A 186 6.44 6.43 21.21
CA ARG A 186 7.32 5.59 21.98
C ARG A 186 7.04 5.78 23.48
N VAL A 187 6.41 4.80 24.11
CA VAL A 187 6.25 4.86 25.56
C VAL A 187 7.59 4.71 26.27
N VAL A 188 7.88 5.59 27.22
CA VAL A 188 9.12 5.51 27.98
C VAL A 188 8.89 5.03 29.43
N THR A 189 7.65 5.15 29.89
CA THR A 189 7.26 4.57 31.17
C THR A 189 5.75 4.54 31.27
N LEU A 190 5.25 3.56 32.02
CA LEU A 190 3.89 3.63 32.53
C LEU A 190 3.83 4.65 33.67
N ILE A 191 2.64 5.18 33.92
CA ILE A 191 2.46 6.17 35.01
C ILE A 191 2.09 5.36 36.27
N PHE A 192 3.01 5.30 37.24
CA PHE A 192 2.75 4.55 38.48
C PHE A 192 2.36 5.53 39.58
N GLU A 193 1.13 5.40 40.05
CA GLU A 193 0.59 6.35 41.01
C GLU A 193 -0.22 5.57 42.03
N ASN A 194 0.22 5.65 43.29
CA ASN A 194 -0.46 4.93 44.38
C ASN A 194 -0.72 3.45 44.06
N ASN A 195 0.33 2.74 43.64
CA ASN A 195 0.30 1.29 43.33
C ASN A 195 -0.76 0.93 42.27
N ASP A 196 -0.89 1.80 41.27
CA ASP A 196 -1.71 1.49 40.11
C ASP A 196 -1.07 2.17 38.89
N VAL A 197 -1.48 1.70 37.71
CA VAL A 197 -1.05 2.25 36.44
C VAL A 197 -2.15 3.16 35.92
N LYS A 198 -1.81 4.44 35.69
CA LYS A 198 -2.79 5.45 35.32
C LYS A 198 -2.68 5.87 33.86
N GLY A 199 -1.80 5.22 33.11
CA GLY A 199 -1.56 5.57 31.69
C GLY A 199 -0.10 5.40 31.37
N ALA A 200 0.39 6.22 30.45
CA ALA A 200 1.80 6.13 30.04
C ALA A 200 2.32 7.48 29.65
N VAL A 201 3.64 7.57 29.52
CA VAL A 201 4.29 8.78 29.10
C VAL A 201 5.13 8.41 27.86
N THR A 202 5.01 9.21 26.80
CA THR A 202 5.73 8.99 25.56
C THR A 202 7.02 9.84 25.51
N ALA A 203 7.93 9.49 24.59
CA ALA A 203 9.31 9.97 24.61
C ALA A 203 9.41 11.48 24.31
N ASP A 204 8.35 12.02 23.72
CA ASP A 204 8.20 13.48 23.52
C ASP A 204 7.85 14.21 24.83
N GLY A 205 7.66 13.45 25.90
CA GLY A 205 7.28 14.05 27.17
C GLY A 205 5.82 14.47 27.08
N LYS A 206 4.95 13.53 26.72
CA LYS A 206 3.52 13.77 26.74
C LYS A 206 2.90 12.72 27.66
N ILE A 207 2.00 13.18 28.52
CA ILE A 207 1.32 12.32 29.49
C ILE A 207 -0.01 11.83 28.89
N TRP A 208 -0.19 10.51 28.88
CA TRP A 208 -1.41 9.91 28.36
C TRP A 208 -2.13 9.23 29.53
N ARG A 209 -3.05 9.93 30.16
CA ARG A 209 -3.78 9.34 31.28
C ARG A 209 -4.96 8.52 30.76
N ALA A 210 -5.22 7.39 31.39
CA ALA A 210 -6.32 6.54 30.94
C ALA A 210 -6.94 5.80 32.12
N GLU A 211 -8.23 5.52 31.98
CA GLU A 211 -8.94 4.74 32.99
C GLU A 211 -8.46 3.29 33.04
N ARG A 212 -8.09 2.75 31.88
CA ARG A 212 -7.45 1.43 31.79
C ARG A 212 -6.34 1.47 30.77
N THR A 213 -5.27 0.74 31.06
CA THR A 213 -4.13 0.69 30.14
C THR A 213 -3.91 -0.77 29.76
N PHE A 214 -3.84 -1.05 28.45
CA PHE A 214 -3.54 -2.38 27.95
C PHE A 214 -2.08 -2.46 27.52
N LEU A 215 -1.35 -3.43 28.06
CA LEU A 215 0.06 -3.58 27.69
C LEU A 215 0.15 -4.70 26.62
N CYS A 216 0.39 -4.26 25.39
CA CYS A 216 0.42 -5.15 24.22
C CYS A 216 1.72 -4.91 23.41
N ALA A 217 2.84 -4.80 24.13
CA ALA A 217 4.11 -4.43 23.50
C ALA A 217 4.94 -5.65 23.05
N GLY A 218 4.30 -6.82 23.01
CA GLY A 218 4.95 -8.07 22.55
C GLY A 218 6.27 -8.30 23.27
N ALA A 219 7.32 -8.53 22.50
CA ALA A 219 8.64 -8.85 23.06
C ALA A 219 9.20 -7.76 23.97
N SER A 220 8.72 -6.51 23.81
CA SER A 220 9.18 -5.38 24.66
C SER A 220 8.38 -5.13 25.94
N ALA A 221 7.37 -5.97 26.22
CA ALA A 221 6.47 -5.72 27.35
C ALA A 221 7.19 -5.64 28.71
N GLY A 222 8.24 -6.44 28.87
CA GLY A 222 9.03 -6.49 30.13
C GLY A 222 9.79 -5.22 30.44
N GLN A 223 9.96 -4.36 29.45
CA GLN A 223 10.56 -3.04 29.67
C GLN A 223 9.78 -2.21 30.69
N PHE A 224 8.46 -2.45 30.77
CA PHE A 224 7.53 -1.51 31.44
C PHE A 224 7.03 -1.93 32.81
N LEU A 225 7.16 -3.20 33.13
N LEU A 225 7.25 -3.21 33.12
CA LEU A 225 6.91 -3.63 34.50
CA LEU A 225 6.61 -3.88 34.23
C LEU A 225 7.53 -4.97 34.75
C LEU A 225 7.46 -5.06 34.71
N ASP A 226 7.42 -5.37 36.01
CA ASP A 226 8.05 -6.57 36.53
C ASP A 226 7.12 -7.75 36.30
N PHE A 227 7.47 -8.60 35.35
CA PHE A 227 6.64 -9.77 35.02
C PHE A 227 6.96 -10.99 35.89
N LYS A 228 7.85 -10.80 36.87
CA LYS A 228 8.23 -11.89 37.80
C LYS A 228 8.64 -13.16 37.02
N ASN A 229 9.54 -12.96 36.06
CA ASN A 229 10.11 -14.01 35.21
C ASN A 229 9.11 -14.68 34.27
N GLN A 230 7.91 -14.11 34.13
CA GLN A 230 6.91 -14.77 33.28
C GLN A 230 7.17 -14.69 31.79
N LEU A 231 7.99 -13.73 31.35
CA LEU A 231 8.21 -13.52 29.90
C LEU A 231 9.68 -13.70 29.52
N ARG A 232 9.93 -14.50 28.48
CA ARG A 232 11.25 -14.61 27.87
C ARG A 232 11.20 -14.07 26.44
N PRO A 233 11.58 -12.80 26.21
CA PRO A 233 11.73 -12.29 24.84
C PRO A 233 12.70 -13.16 24.07
N THR A 234 12.26 -13.64 22.91
CA THR A 234 13.00 -14.63 22.15
C THR A 234 12.78 -14.33 20.68
N ALA A 235 13.82 -14.52 19.87
CA ALA A 235 13.79 -14.14 18.47
C ALA A 235 13.96 -15.33 17.55
N TRP A 236 13.26 -15.25 16.43
CA TRP A 236 13.41 -16.16 15.30
C TRP A 236 13.84 -15.41 14.04
N THR A 237 13.97 -16.13 12.94
CA THR A 237 14.70 -15.65 11.79
C THR A 237 13.91 -15.97 10.52
N LEU A 238 13.96 -15.05 9.57
CA LEU A 238 13.25 -15.27 8.32
C LEU A 238 14.03 -14.63 7.17
N VAL A 239 13.87 -15.19 5.98
CA VAL A 239 14.41 -14.59 4.76
C VAL A 239 13.39 -14.61 3.63
N HIS A 240 13.64 -13.85 2.57
CA HIS A 240 12.89 -13.97 1.32
C HIS A 240 13.87 -14.34 0.21
N ILE A 241 13.39 -15.12 -0.74
CA ILE A 241 14.07 -15.32 -2.02
C ILE A 241 13.11 -14.85 -3.12
N ALA A 242 13.62 -13.97 -3.98
CA ALA A 242 12.83 -13.43 -5.10
C ALA A 242 12.89 -14.34 -6.32
N LEU A 243 11.75 -14.86 -6.73
CA LEU A 243 11.63 -15.64 -7.96
C LEU A 243 11.66 -14.71 -9.18
N LYS A 244 12.32 -15.15 -10.24
CA LYS A 244 12.29 -14.44 -11.52
C LYS A 244 10.85 -14.43 -12.04
N PRO A 245 10.42 -13.32 -12.69
CA PRO A 245 9.04 -13.26 -13.19
C PRO A 245 8.54 -14.51 -13.92
N GLU A 246 9.37 -15.09 -14.78
CA GLU A 246 9.00 -16.28 -15.54
C GLU A 246 8.76 -17.51 -14.66
N GLU A 247 9.57 -17.65 -13.61
CA GLU A 247 9.51 -18.87 -12.79
C GLU A 247 8.41 -18.83 -11.73
N ARG A 248 7.75 -17.67 -11.57
CA ARG A 248 6.74 -17.48 -10.50
C ARG A 248 5.51 -18.36 -10.59
N ALA A 249 4.91 -18.41 -11.79
CA ALA A 249 3.64 -19.11 -11.98
C ALA A 249 3.68 -20.54 -11.46
N LEU A 250 4.82 -21.21 -11.64
CA LEU A 250 4.95 -22.63 -11.28
C LEU A 250 4.73 -22.87 -9.78
N TYR A 251 5.15 -21.89 -8.97
CA TYR A 251 5.10 -21.98 -7.50
C TYR A 251 3.79 -21.49 -6.88
N LYS A 252 2.86 -21.04 -7.72
CA LYS A 252 1.59 -20.49 -7.19
C LYS A 252 0.68 -21.55 -6.57
N ASN A 253 0.06 -21.19 -5.45
CA ASN A 253 -0.94 -21.99 -4.76
C ASN A 253 -0.41 -23.27 -4.12
N ILE A 254 0.92 -23.40 -4.01
CA ILE A 254 1.47 -24.56 -3.30
C ILE A 254 1.08 -24.51 -1.82
N PRO A 255 0.89 -25.68 -1.20
CA PRO A 255 0.57 -25.72 0.23
C PRO A 255 1.74 -25.20 1.05
N VAL A 256 1.46 -24.76 2.27
CA VAL A 256 2.55 -24.40 3.18
C VAL A 256 3.33 -25.70 3.50
N ILE A 257 4.65 -25.64 3.37
CA ILE A 257 5.51 -26.80 3.71
C ILE A 257 6.20 -26.55 5.05
N PHE A 258 5.93 -27.41 6.04
CA PHE A 258 6.49 -27.20 7.39
C PHE A 258 7.07 -28.47 7.97
N ASN A 259 8.33 -28.39 8.41
CA ASN A 259 9.00 -29.47 9.12
C ASN A 259 9.49 -28.91 10.44
N ILE A 260 8.96 -29.46 11.54
CA ILE A 260 9.22 -28.99 12.91
C ILE A 260 10.72 -28.97 13.29
N GLU A 261 11.55 -29.73 12.56
CA GLU A 261 12.99 -29.82 12.84
C GLU A 261 13.86 -29.17 11.76
N ARG A 262 13.23 -28.48 10.81
CA ARG A 262 13.96 -27.90 9.70
C ARG A 262 13.52 -26.46 9.43
N GLY A 263 12.21 -26.26 9.28
CA GLY A 263 11.74 -24.94 8.83
C GLY A 263 10.50 -25.02 7.97
N PHE A 264 10.13 -23.88 7.41
CA PHE A 264 8.91 -23.81 6.60
C PHE A 264 8.97 -22.70 5.60
N PHE A 265 8.13 -22.80 4.56
CA PHE A 265 8.03 -21.77 3.53
C PHE A 265 6.65 -21.78 2.88
N PHE A 266 6.42 -20.76 2.05
CA PHE A 266 5.09 -20.47 1.52
C PHE A 266 5.21 -20.20 0.03
N GLU A 267 4.08 -20.27 -0.65
CA GLU A 267 4.02 -19.78 -2.06
C GLU A 267 4.53 -18.33 -2.12
N PRO A 268 5.09 -17.89 -3.29
CA PRO A 268 5.65 -16.55 -3.39
C PRO A 268 4.59 -15.47 -3.22
N ASP A 269 4.97 -14.34 -2.63
CA ASP A 269 4.01 -13.24 -2.50
C ASP A 269 3.73 -12.63 -3.88
N GLU A 270 2.69 -11.81 -3.98
CA GLU A 270 2.37 -11.12 -5.22
C GLU A 270 3.26 -9.91 -5.49
N GLU A 271 3.48 -9.07 -4.48
CA GLU A 271 4.23 -7.83 -4.66
C GLU A 271 5.57 -8.02 -5.37
N ARG A 272 6.33 -9.00 -4.91
CA ARG A 272 7.70 -9.19 -5.39
C ARG A 272 8.04 -10.61 -5.84
N GLY A 273 7.05 -11.50 -5.83
CA GLY A 273 7.28 -12.93 -6.16
C GLY A 273 8.28 -13.59 -5.21
N GLU A 274 8.25 -13.15 -3.95
CA GLU A 274 9.21 -13.59 -2.92
C GLU A 274 8.67 -14.73 -2.09
N ILE A 275 9.46 -15.80 -2.05
CA ILE A 275 9.20 -16.92 -1.15
C ILE A 275 9.81 -16.59 0.20
N LYS A 276 8.95 -16.58 1.22
CA LYS A 276 9.43 -16.41 2.59
C LYS A 276 9.75 -17.74 3.24
N ILE A 277 10.95 -17.83 3.83
CA ILE A 277 11.43 -19.07 4.46
C ILE A 277 11.89 -18.80 5.90
N CYS A 278 11.45 -19.67 6.82
CA CYS A 278 11.97 -19.65 8.20
C CYS A 278 12.68 -20.95 8.50
N ASP A 279 13.87 -20.83 9.08
CA ASP A 279 14.53 -22.00 9.67
C ASP A 279 13.98 -22.27 11.08
N GLU A 280 13.63 -23.53 11.36
CA GLU A 280 13.27 -23.91 12.72
C GLU A 280 14.45 -24.02 13.67
N HIS A 281 14.25 -23.45 14.85
CA HIS A 281 15.14 -23.61 16.00
C HIS A 281 14.44 -23.15 17.28
N PRO A 282 15.00 -23.50 18.45
CA PRO A 282 14.39 -23.08 19.72
C PRO A 282 14.48 -21.57 20.06
N GLY A 283 15.10 -20.78 19.18
CA GLY A 283 15.09 -19.32 19.32
C GLY A 283 16.38 -18.69 19.82
N TYR A 284 16.47 -17.37 19.71
CA TYR A 284 17.59 -16.62 20.29
C TYR A 284 17.12 -15.69 21.41
N THR A 285 17.84 -15.69 22.52
CA THR A 285 17.62 -14.65 23.52
C THR A 285 18.67 -13.56 23.33
N ASN A 286 18.52 -12.45 24.05
CA ASN A 286 19.56 -11.44 24.13
C ASN A 286 19.71 -11.03 25.60
N MSE A 287 20.35 -11.91 26.39
CA MSE A 287 20.46 -11.72 27.82
C MSE A 287 21.42 -10.59 28.13
O MSE A 287 22.58 -10.61 27.72
CB MSE A 287 20.97 -13.01 28.48
CG MSE A 287 19.98 -14.13 28.46
SE MSE A 287 18.30 -13.60 29.31
CE MSE A 287 17.32 -15.23 29.00
N VAL A 288 20.93 -9.59 28.86
CA VAL A 288 21.72 -8.38 29.14
C VAL A 288 21.94 -8.27 30.64
N GLN A 289 23.19 -7.97 31.02
CA GLN A 289 23.62 -7.79 32.41
C GLN A 289 23.49 -6.34 32.90
N SER A 290 22.69 -6.16 33.95
CA SER A 290 22.55 -4.85 34.61
C SER A 290 23.67 -4.63 35.63
N ALA A 291 23.80 -3.39 36.11
CA ALA A 291 24.67 -3.07 37.25
C ALA A 291 24.15 -3.80 38.51
N ASP A 292 22.84 -4.05 38.52
CA ASP A 292 22.18 -4.91 39.50
C ASP A 292 22.81 -6.30 39.54
N GLY A 293 23.13 -6.84 38.36
CA GLY A 293 23.61 -8.22 38.22
C GLY A 293 22.52 -9.13 37.69
N THR A 294 21.30 -8.60 37.66
CA THR A 294 20.12 -9.34 37.17
C THR A 294 20.16 -9.59 35.64
N MSE A 295 19.35 -10.53 35.17
N MSE A 295 19.42 -10.60 35.19
CA MSE A 295 19.41 -11.02 33.80
CA MSE A 295 19.41 -11.05 33.79
C MSE A 295 18.09 -10.85 33.05
C MSE A 295 18.07 -10.77 33.11
O MSE A 295 17.06 -11.40 33.46
O MSE A 295 17.01 -11.17 33.59
CB MSE A 295 19.83 -12.49 33.86
CB MSE A 295 19.66 -12.57 33.72
CG MSE A 295 19.93 -13.20 32.52
CG MSE A 295 21.09 -13.04 33.97
SE MSE A 295 19.71 -15.11 32.82
SE MSE A 295 22.36 -12.52 32.58
CE MSE A 295 21.36 -15.48 33.81
CE MSE A 295 23.33 -11.19 33.63
N MSE A 296 18.12 -10.10 31.96
CA MSE A 296 16.92 -9.86 31.12
C MSE A 296 17.21 -10.01 29.63
O MSE A 296 18.24 -9.53 29.15
CB MSE A 296 16.37 -8.45 31.32
CG MSE A 296 15.85 -8.15 32.70
SE MSE A 296 15.35 -6.27 32.75
CE MSE A 296 13.69 -6.39 31.67
N SER A 297 16.29 -10.64 28.90
CA SER A 297 16.37 -10.69 27.44
C SER A 297 15.78 -9.43 26.80
N ILE A 298 16.62 -8.66 26.13
CA ILE A 298 16.24 -7.34 25.59
C ILE A 298 16.17 -7.33 24.07
N PRO A 299 14.96 -7.10 23.52
CA PRO A 299 14.83 -7.20 22.06
C PRO A 299 15.47 -6.02 21.32
N PHE A 300 15.81 -6.21 20.06
CA PHE A 300 16.36 -5.16 19.22
C PHE A 300 16.01 -5.44 17.76
N GLU A 301 15.91 -4.37 16.96
CA GLU A 301 15.61 -4.47 15.55
C GLU A 301 16.89 -4.84 14.82
N LYS A 302 16.78 -5.80 13.90
CA LYS A 302 17.91 -6.09 13.00
C LYS A 302 17.40 -6.66 11.70
N THR A 303 17.77 -6.00 10.60
CA THR A 303 17.34 -6.42 9.27
C THR A 303 18.42 -7.31 8.63
N GLN A 304 18.85 -8.30 9.43
CA GLN A 304 19.80 -9.36 9.02
C GLN A 304 19.51 -10.57 9.91
N ILE A 305 20.12 -11.71 9.60
CA ILE A 305 20.03 -12.87 10.50
C ILE A 305 21.44 -13.44 10.75
N PRO A 306 21.61 -14.21 11.85
CA PRO A 306 22.92 -14.87 12.07
C PRO A 306 23.29 -15.78 10.89
N LYS A 307 24.60 -15.89 10.63
CA LYS A 307 25.07 -16.76 9.53
C LYS A 307 24.63 -18.20 9.71
N GLU A 308 24.56 -18.67 10.96
CA GLU A 308 24.06 -20.03 11.24
C GLU A 308 22.61 -20.20 10.77
N ALA A 309 21.80 -19.15 10.92
CA ALA A 309 20.41 -19.19 10.43
C ALA A 309 20.39 -19.31 8.91
N GLU A 310 21.23 -18.55 8.22
CA GLU A 310 21.34 -18.70 6.76
C GLU A 310 21.66 -20.14 6.39
N THR A 311 22.66 -20.72 7.07
CA THR A 311 23.03 -22.12 6.85
C THR A 311 21.84 -23.08 6.99
N ARG A 312 21.04 -22.88 8.03
CA ARG A 312 19.88 -23.72 8.30
C ARG A 312 18.84 -23.55 7.21
N VAL A 313 18.62 -22.31 6.78
CA VAL A 313 17.68 -22.06 5.69
C VAL A 313 18.12 -22.80 4.42
N ARG A 314 19.40 -22.70 4.10
CA ARG A 314 19.92 -23.33 2.88
C ARG A 314 19.89 -24.86 2.94
N ALA A 315 20.04 -25.41 4.14
CA ALA A 315 19.94 -26.87 4.34
C ALA A 315 18.51 -27.36 4.17
N LEU A 316 17.54 -26.58 4.68
CA LEU A 316 16.14 -26.86 4.43
C LEU A 316 15.83 -26.85 2.92
N LEU A 317 16.33 -25.83 2.23
CA LEU A 317 16.06 -25.70 0.81
C LEU A 317 16.68 -26.87 0.05
N LYS A 318 17.87 -27.30 0.48
CA LYS A 318 18.53 -28.46 -0.13
C LYS A 318 17.59 -29.67 -0.15
N GLU A 319 16.86 -29.88 0.96
CA GLU A 319 15.99 -31.05 1.16
C GLU A 319 14.62 -30.99 0.47
N THR A 320 14.29 -29.81 -0.05
CA THR A 320 12.92 -29.49 -0.51
C THR A 320 12.90 -28.85 -1.88
N MSE A 321 13.51 -27.67 -1.99
CA MSE A 321 13.61 -26.94 -3.24
C MSE A 321 15.08 -26.66 -3.54
O MSE A 321 15.51 -25.53 -3.49
CB MSE A 321 12.78 -25.64 -3.21
CG MSE A 321 11.33 -25.91 -2.89
SE MSE A 321 10.26 -24.27 -3.01
CE MSE A 321 11.03 -23.34 -1.47
N PRO A 322 15.85 -27.72 -3.84
CA PRO A 322 17.31 -27.55 -4.00
C PRO A 322 17.70 -26.58 -5.11
N GLN A 323 16.81 -26.44 -6.10
CA GLN A 323 17.08 -25.52 -7.20
C GLN A 323 17.18 -24.06 -6.73
N LEU A 324 16.65 -23.77 -5.53
CA LEU A 324 16.73 -22.44 -4.94
C LEU A 324 17.78 -22.30 -3.81
N ALA A 325 18.42 -23.41 -3.45
CA ALA A 325 19.28 -23.45 -2.26
C ALA A 325 20.43 -22.46 -2.24
N ASP A 326 20.89 -22.03 -3.42
CA ASP A 326 22.09 -21.18 -3.51
C ASP A 326 21.74 -19.76 -3.96
N ARG A 327 20.44 -19.48 -4.04
CA ARG A 327 19.95 -18.14 -4.41
C ARG A 327 20.22 -17.12 -3.29
N PRO A 328 20.64 -15.92 -3.68
CA PRO A 328 20.87 -14.87 -2.69
C PRO A 328 19.53 -14.49 -2.05
N PHE A 329 19.55 -14.14 -0.77
CA PHE A 329 18.32 -13.63 -0.14
C PHE A 329 18.07 -12.21 -0.61
N SER A 330 16.79 -11.88 -0.79
CA SER A 330 16.40 -10.51 -1.12
C SER A 330 16.01 -9.70 0.14
N PHE A 331 15.75 -10.38 1.24
CA PHE A 331 15.40 -9.69 2.50
C PHE A 331 15.69 -10.67 3.61
N ALA A 332 16.08 -10.17 4.78
CA ALA A 332 16.28 -11.01 5.96
C ALA A 332 16.05 -10.20 7.22
N ARG A 333 15.43 -10.81 8.23
CA ARG A 333 15.31 -10.15 9.53
C ARG A 333 15.15 -11.10 10.68
N ILE A 334 15.46 -10.59 11.88
CA ILE A 334 15.03 -11.25 13.11
C ILE A 334 13.64 -10.74 13.50
N CYS A 335 12.92 -11.58 14.21
CA CYS A 335 11.50 -11.36 14.48
C CYS A 335 11.28 -11.84 15.91
N TRP A 336 10.75 -10.96 16.78
CA TRP A 336 10.71 -11.24 18.22
C TRP A 336 9.32 -11.54 18.74
N CYS A 337 9.26 -12.46 19.70
CA CYS A 337 8.03 -12.63 20.49
C CYS A 337 8.49 -12.85 21.93
N ALA A 338 7.61 -13.38 22.77
CA ALA A 338 7.99 -13.65 24.16
C ALA A 338 7.26 -14.86 24.68
N ASP A 339 8.03 -15.81 25.24
CA ASP A 339 7.48 -17.07 25.74
C ASP A 339 7.21 -17.02 27.22
N THR A 340 6.03 -17.52 27.60
CA THR A 340 5.74 -17.82 28.99
C THR A 340 6.34 -19.20 29.30
N ALA A 341 6.38 -19.56 30.58
CA ALA A 341 7.04 -20.80 31.02
C ALA A 341 6.44 -22.10 30.46
N ASN A 342 5.19 -22.02 30.00
CA ASN A 342 4.48 -23.15 29.40
C ASN A 342 3.88 -22.79 28.02
N ARG A 343 4.27 -21.63 27.51
CA ARG A 343 3.77 -21.11 26.21
C ARG A 343 2.25 -20.94 26.15
N GLU A 344 1.64 -20.77 27.33
CA GLU A 344 0.25 -20.33 27.41
C GLU A 344 0.23 -18.80 27.41
N PHE A 345 -0.85 -18.20 26.92
CA PHE A 345 -0.96 -16.73 26.84
C PHE A 345 -1.00 -16.07 28.22
N LEU A 346 -0.64 -14.79 28.25
CA LEU A 346 -0.74 -14.02 29.49
C LEU A 346 -1.70 -12.87 29.25
N ILE A 347 -2.96 -13.13 29.57
CA ILE A 347 -4.04 -12.18 29.31
C ILE A 347 -4.87 -12.11 30.55
N ASP A 348 -4.77 -10.97 31.24
CA ASP A 348 -5.39 -10.84 32.57
C ASP A 348 -5.32 -9.41 33.04
N ARG A 349 -6.13 -9.07 34.04
CA ARG A 349 -5.91 -7.88 34.82
C ARG A 349 -4.71 -8.12 35.74
N HIS A 350 -3.89 -7.10 35.94
CA HIS A 350 -2.80 -7.20 36.89
C HIS A 350 -3.37 -7.35 38.33
N PRO A 351 -2.78 -8.25 39.15
CA PRO A 351 -3.34 -8.48 40.49
C PRO A 351 -3.22 -7.32 41.47
N GLN A 352 -2.24 -6.45 41.28
CA GLN A 352 -2.05 -5.30 42.14
C GLN A 352 -2.47 -4.00 41.46
N TYR A 353 -2.10 -3.84 40.18
CA TYR A 353 -2.38 -2.60 39.47
C TYR A 353 -3.74 -2.73 38.79
N HIS A 354 -4.77 -2.37 39.54
CA HIS A 354 -6.20 -2.51 39.20
C HIS A 354 -6.54 -2.07 37.77
N SER A 355 -5.85 -1.05 37.26
CA SER A 355 -6.21 -0.43 35.99
C SER A 355 -5.43 -1.01 34.79
N LEU A 356 -4.50 -1.91 35.07
CA LEU A 356 -3.64 -2.47 34.02
C LEU A 356 -4.19 -3.80 33.51
N VAL A 357 -4.18 -3.97 32.19
CA VAL A 357 -4.59 -5.21 31.55
C VAL A 357 -3.41 -5.71 30.70
N LEU A 358 -3.01 -6.97 30.90
CA LEU A 358 -1.95 -7.59 30.12
C LEU A 358 -2.56 -8.31 28.91
N GLY A 359 -1.95 -8.10 27.74
CA GLY A 359 -2.29 -8.87 26.54
C GLY A 359 -0.99 -9.22 25.88
N CYS A 360 -0.33 -10.27 26.37
CA CYS A 360 1.01 -10.59 25.89
C CYS A 360 1.34 -12.05 26.14
N GLY A 361 2.63 -12.42 26.09
CA GLY A 361 3.03 -13.84 26.20
C GLY A 361 2.50 -14.70 25.06
N ALA A 362 2.39 -14.10 23.86
CA ALA A 362 1.90 -14.83 22.65
C ALA A 362 2.75 -16.08 22.33
N SER A 363 3.96 -16.13 22.89
CA SER A 363 4.77 -17.36 22.91
C SER A 363 5.01 -17.91 21.51
N GLY A 364 5.26 -16.99 20.57
CA GLY A 364 5.61 -17.39 19.20
C GLY A 364 4.49 -18.01 18.39
N ARG A 365 3.27 -17.93 18.90
CA ARG A 365 2.13 -18.54 18.21
C ARG A 365 0.90 -17.63 18.10
N GLY A 366 1.09 -16.32 18.23
CA GLY A 366 -0.06 -15.44 18.40
C GLY A 366 -0.62 -14.83 17.13
N PHE A 367 0.03 -15.03 15.98
CA PHE A 367 -0.49 -14.27 14.83
C PHE A 367 -1.86 -14.75 14.35
N LYS A 368 -2.05 -16.07 14.37
CA LYS A 368 -3.31 -16.62 13.90
C LYS A 368 -4.52 -16.10 14.69
N TYR A 369 -4.28 -15.62 15.92
CA TYR A 369 -5.34 -15.04 16.77
C TYR A 369 -5.68 -13.57 16.50
N LEU A 370 -5.01 -12.94 15.51
CA LEU A 370 -5.35 -11.56 15.13
C LEU A 370 -6.89 -11.29 15.04
N PRO A 371 -7.66 -12.17 14.35
CA PRO A 371 -9.10 -11.83 14.22
C PRO A 371 -9.89 -11.84 15.53
N SER A 372 -9.37 -12.49 16.58
CA SER A 372 -10.22 -12.81 17.75
C SER A 372 -9.63 -12.45 19.12
N ILE A 373 -8.29 -12.41 19.24
CA ILE A 373 -7.68 -12.28 20.58
C ILE A 373 -8.10 -10.98 21.29
N GLY A 374 -8.37 -9.93 20.51
CA GLY A 374 -8.83 -8.65 21.08
C GLY A 374 -10.11 -8.84 21.91
N ASN A 375 -10.97 -9.77 21.48
CA ASN A 375 -12.18 -10.05 22.26
C ASN A 375 -11.86 -10.59 23.65
N LEU A 376 -10.85 -11.45 23.73
CA LEU A 376 -10.48 -12.07 25.00
C LEU A 376 -9.80 -11.03 25.90
N ILE A 377 -8.98 -10.17 25.28
CA ILE A 377 -8.29 -9.11 26.05
C ILE A 377 -9.31 -8.13 26.62
N VAL A 378 -10.28 -7.75 25.79
CA VAL A 378 -11.37 -6.87 26.26
C VAL A 378 -12.17 -7.59 27.37
N ASP A 379 -12.45 -8.88 27.17
CA ASP A 379 -13.15 -9.66 28.19
C ASP A 379 -12.38 -9.62 29.52
N ALA A 380 -11.05 -9.71 29.43
CA ALA A 380 -10.20 -9.61 30.62
C ALA A 380 -10.41 -8.26 31.31
N MSE A 381 -10.39 -7.17 30.54
CA MSE A 381 -10.60 -5.84 31.13
C MSE A 381 -11.96 -5.76 31.84
O MSE A 381 -12.06 -5.26 32.98
CB MSE A 381 -10.46 -4.75 30.06
CG MSE A 381 -10.45 -3.37 30.65
SE MSE A 381 -12.30 -2.70 30.67
CE MSE A 381 -12.40 -2.29 28.73
N GLU A 382 -12.98 -6.33 31.20
CA GLU A 382 -14.38 -6.22 31.66
C GLU A 382 -14.75 -7.27 32.70
N GLY A 383 -13.87 -8.25 32.93
CA GLY A 383 -14.14 -9.30 33.92
C GLY A 383 -15.07 -10.40 33.44
N LYS A 384 -15.01 -10.69 32.14
CA LYS A 384 -15.93 -11.62 31.48
C LYS A 384 -15.30 -12.95 31.04
N VAL A 385 -14.06 -13.20 31.45
CA VAL A 385 -13.37 -14.38 30.97
C VAL A 385 -13.91 -15.62 31.70
N PRO A 386 -14.33 -16.64 30.94
CA PRO A 386 -14.76 -17.89 31.60
C PRO A 386 -13.65 -18.47 32.48
N GLN A 387 -14.04 -18.96 33.67
CA GLN A 387 -13.07 -19.45 34.65
C GLN A 387 -12.04 -20.45 34.11
N LYS A 388 -12.46 -21.41 33.29
CA LYS A 388 -11.53 -22.42 32.80
C LYS A 388 -10.50 -21.83 31.86
N ILE A 389 -10.95 -20.88 31.06
CA ILE A 389 -10.03 -20.16 30.16
C ILE A 389 -9.11 -19.28 31.00
N HIS A 390 -9.69 -18.55 31.94
CA HIS A 390 -8.91 -17.68 32.83
C HIS A 390 -7.80 -18.44 33.53
N GLU A 391 -8.09 -19.66 34.01
CA GLU A 391 -7.10 -20.45 34.72
C GLU A 391 -5.82 -20.73 33.92
N LEU A 392 -5.96 -20.88 32.61
CA LEU A 392 -4.82 -21.12 31.75
C LEU A 392 -4.01 -19.86 31.43
N ILE A 393 -4.71 -18.74 31.24
CA ILE A 393 -4.06 -17.50 30.72
C ILE A 393 -3.76 -16.45 31.79
N LYS A 394 -4.06 -16.76 33.06
CA LYS A 394 -3.96 -15.74 34.11
C LYS A 394 -2.52 -15.32 34.42
N TRP A 395 -2.38 -14.17 35.06
CA TRP A 395 -1.12 -13.77 35.70
C TRP A 395 -0.71 -14.91 36.63
N ASN A 396 0.52 -15.41 36.45
CA ASN A 396 0.90 -16.70 37.03
C ASN A 396 2.38 -16.76 37.38
N PRO A 397 2.82 -15.94 38.35
CA PRO A 397 4.25 -15.95 38.69
C PRO A 397 4.75 -17.32 39.20
N ASP A 398 3.90 -18.08 39.89
CA ASP A 398 4.26 -19.44 40.35
C ASP A 398 4.84 -20.32 39.24
N ILE A 399 4.26 -20.24 38.05
CA ILE A 399 4.71 -21.03 36.90
C ILE A 399 6.13 -20.65 36.42
N ALA A 400 6.56 -19.43 36.75
CA ALA A 400 7.82 -18.87 36.27
C ALA A 400 8.89 -18.81 37.38
N ALA A 401 8.54 -19.35 38.55
CA ALA A 401 9.50 -19.50 39.65
C ALA A 401 10.60 -20.46 39.23
N ASN A 402 11.82 -20.17 39.65
CA ASN A 402 12.99 -21.01 39.33
C ASN A 402 13.04 -21.34 37.83
N ARG A 403 12.85 -20.31 37.00
CA ARG A 403 12.62 -20.57 35.58
C ARG A 403 13.82 -21.16 34.83
N ASN A 404 13.56 -22.19 34.03
CA ASN A 404 14.59 -22.65 33.10
C ASN A 404 14.52 -21.81 31.83
N TRP A 405 15.39 -20.81 31.74
CA TRP A 405 15.42 -19.85 30.63
C TRP A 405 15.93 -20.48 29.33
N ARG A 406 16.58 -21.65 29.45
CA ARG A 406 17.06 -22.41 28.31
C ARG A 406 16.12 -23.55 27.88
N ASP A 407 14.92 -23.59 28.47
CA ASP A 407 13.89 -24.56 28.10
C ASP A 407 13.56 -24.37 26.64
N THR A 408 13.69 -25.45 25.86
CA THR A 408 13.38 -25.36 24.41
C THR A 408 11.88 -25.32 24.10
N LEU A 409 11.05 -25.59 25.11
CA LEU A 409 9.59 -25.41 25.03
C LEU A 409 8.92 -26.01 23.79
N GLY A 410 9.31 -27.24 23.44
CA GLY A 410 8.66 -27.97 22.35
C GLY A 410 9.13 -27.54 20.97
N ARG A 411 10.24 -26.80 20.94
CA ARG A 411 10.82 -26.36 19.68
C ARG A 411 12.06 -27.19 19.35
N PHE A 412 12.29 -27.40 18.05
CA PHE A 412 13.37 -28.24 17.55
C PHE A 412 14.15 -27.55 16.43
N GLY A 413 15.23 -28.18 15.98
CA GLY A 413 15.99 -27.67 14.86
C GLY A 413 17.32 -27.04 15.24
N GLY A 414 18.24 -27.06 14.29
CA GLY A 414 19.52 -26.43 14.45
C GLY A 414 20.24 -27.03 15.65
N PRO A 415 20.64 -26.18 16.60
CA PRO A 415 21.42 -26.64 17.74
C PRO A 415 20.58 -27.36 18.81
N ASN A 416 19.25 -27.40 18.63
CA ASN A 416 18.35 -28.00 19.62
C ASN A 416 18.63 -27.49 21.04
N ARG A 417 19.01 -26.21 21.11
CA ARG A 417 19.13 -25.50 22.38
C ARG A 417 18.69 -24.08 22.13
N VAL A 418 18.30 -23.37 23.20
CA VAL A 418 18.03 -21.93 23.10
C VAL A 418 19.38 -21.22 23.05
N MSE A 419 19.61 -20.43 22.01
N MSE A 419 19.57 -20.44 21.99
CA MSE A 419 20.89 -19.75 21.89
CA MSE A 419 20.82 -19.71 21.71
C MSE A 419 20.74 -18.27 22.24
C MSE A 419 20.74 -18.28 22.25
O MSE A 419 19.65 -17.81 22.57
O MSE A 419 19.69 -17.86 22.73
CB MSE A 419 21.48 -19.94 20.50
CB MSE A 419 21.08 -19.66 20.19
CG MSE A 419 21.62 -21.40 20.10
CG MSE A 419 21.24 -21.00 19.49
SE MSE A 419 22.99 -22.37 21.09
SE MSE A 419 21.16 -20.87 17.54
CE MSE A 419 24.57 -21.51 20.35
CE MSE A 419 19.24 -20.86 17.29
N ASP A 420 21.85 -17.54 22.17
CA ASP A 420 21.87 -16.12 22.56
C ASP A 420 22.63 -15.32 21.52
N PHE A 421 22.08 -14.16 21.16
CA PHE A 421 22.72 -13.29 20.18
C PHE A 421 24.13 -12.87 20.57
N HIS A 422 24.43 -12.90 21.85
CA HIS A 422 25.80 -12.57 22.28
C HIS A 422 26.84 -13.57 21.74
N ASP A 423 26.40 -14.80 21.45
CA ASP A 423 27.25 -15.83 20.87
C ASP A 423 27.40 -15.76 19.35
N VAL A 424 26.63 -14.90 18.69
CA VAL A 424 26.62 -14.82 17.24
C VAL A 424 27.83 -14.01 16.77
N LYS A 425 28.65 -14.59 15.91
CA LYS A 425 29.88 -13.93 15.46
C LYS A 425 29.73 -13.20 14.15
N GLU A 426 28.87 -13.73 13.26
CA GLU A 426 28.72 -13.18 11.91
C GLU A 426 27.23 -13.13 11.50
N TRP A 427 26.86 -12.04 10.85
CA TRP A 427 25.49 -11.79 10.38
C TRP A 427 25.49 -11.75 8.86
N THR A 428 24.31 -11.90 8.25
CA THR A 428 24.16 -11.72 6.83
C THR A 428 24.31 -10.22 6.50
N ASN A 429 24.39 -9.90 5.21
CA ASN A 429 24.57 -8.54 4.75
C ASN A 429 23.65 -8.25 3.55
N VAL A 430 22.38 -8.56 3.76
CA VAL A 430 21.35 -8.43 2.74
C VAL A 430 20.92 -6.96 2.70
N GLN A 431 20.49 -6.51 1.53
CA GLN A 431 19.99 -5.15 1.34
C GLN A 431 18.86 -4.79 2.34
N TYR A 432 18.90 -3.57 2.84
CA TYR A 432 17.85 -3.07 3.74
C TYR A 432 16.54 -2.81 3.00
N ARG A 433 15.43 -3.12 3.68
CA ARG A 433 14.09 -2.72 3.23
C ARG A 433 13.33 -2.19 4.45
N ASP A 434 12.55 -1.13 4.27
CA ASP A 434 11.81 -0.54 5.38
C ASP A 434 10.41 -1.17 5.33
N ILE A 435 10.16 -2.13 6.22
CA ILE A 435 8.90 -2.88 6.10
C ILE A 435 7.70 -2.14 6.73
N SER A 436 7.97 -0.97 7.34
CA SER A 436 6.90 -0.06 7.83
C SER A 436 6.35 0.78 6.67
N LYS A 437 6.93 0.56 5.49
CA LYS A 437 6.64 1.25 4.22
C LYS A 437 7.44 2.54 4.08
N VAL B 3 11.43 40.67 -17.31
CA VAL B 3 11.78 39.31 -17.84
C VAL B 3 12.38 39.41 -19.25
N THR B 4 13.53 38.76 -19.44
CA THR B 4 14.15 38.62 -20.75
C THR B 4 14.32 37.13 -21.04
N LYS B 5 14.73 36.78 -22.25
CA LYS B 5 14.96 35.39 -22.61
C LYS B 5 16.03 34.70 -21.75
N SER B 6 16.92 35.47 -21.14
CA SER B 6 17.96 34.92 -20.29
C SER B 6 17.57 34.88 -18.79
N SER B 7 16.37 35.35 -18.46
CA SER B 7 15.94 35.39 -17.05
C SER B 7 15.85 33.99 -16.46
N SER B 8 16.20 33.87 -15.18
CA SER B 8 16.13 32.59 -14.48
C SER B 8 14.64 32.24 -14.30
N LEU B 9 14.23 31.11 -14.89
CA LEU B 9 12.84 30.61 -14.74
C LEU B 9 12.86 29.25 -14.04
N LEU B 10 11.89 29.04 -13.16
CA LEU B 10 11.86 27.84 -12.35
C LEU B 10 10.49 27.20 -12.50
N ILE B 11 10.47 25.89 -12.78
CA ILE B 11 9.20 25.18 -12.88
C ILE B 11 9.17 24.11 -11.78
N VAL B 12 8.13 24.15 -10.97
CA VAL B 12 7.92 23.14 -9.90
C VAL B 12 7.03 22.05 -10.46
N GLY B 13 7.64 20.88 -10.71
CA GLY B 13 6.96 19.71 -11.30
C GLY B 13 7.31 19.45 -12.76
N ALA B 14 7.84 18.26 -13.01
CA ALA B 14 8.21 17.77 -14.34
C ALA B 14 7.17 16.79 -14.86
N GLY B 15 5.90 16.96 -14.46
CA GLY B 15 4.82 16.13 -14.99
C GLY B 15 4.32 16.63 -16.34
N THR B 16 3.04 16.39 -16.63
CA THR B 16 2.49 16.69 -17.94
C THR B 16 2.63 18.17 -18.29
N TRP B 17 2.13 19.01 -17.39
CA TRP B 17 2.07 20.46 -17.69
C TRP B 17 3.40 21.20 -17.46
N GLY B 18 4.15 20.79 -16.43
CA GLY B 18 5.48 21.35 -16.17
C GLY B 18 6.42 21.08 -17.36
N THR B 19 6.35 19.85 -17.86
CA THR B 19 7.13 19.44 -19.04
C THR B 19 6.66 20.22 -20.31
N SER B 20 5.35 20.35 -20.51
CA SER B 20 4.86 21.14 -21.65
C SER B 20 5.38 22.57 -21.57
N THR B 21 5.39 23.12 -20.36
CA THR B 21 5.86 24.49 -20.14
C THR B 21 7.36 24.60 -20.42
N ALA B 22 8.13 23.63 -19.94
CA ALA B 22 9.56 23.55 -20.19
C ALA B 22 9.81 23.59 -21.70
N LEU B 23 9.13 22.70 -22.40
CA LEU B 23 9.27 22.54 -23.85
C LEU B 23 9.01 23.88 -24.56
N HIS B 24 7.87 24.50 -24.25
CA HIS B 24 7.48 25.73 -24.93
C HIS B 24 8.32 26.95 -24.58
N LEU B 25 8.80 27.03 -23.33
CA LEU B 25 9.80 28.04 -22.96
C LEU B 25 11.05 27.91 -23.84
N ALA B 26 11.55 26.68 -24.00
CA ALA B 26 12.75 26.43 -24.80
C ALA B 26 12.48 26.76 -26.27
N ARG B 27 11.32 26.37 -26.77
CA ARG B 27 10.97 26.63 -28.17
C ARG B 27 10.85 28.12 -28.45
N ARG B 28 10.45 28.88 -27.42
CA ARG B 28 10.24 30.31 -27.55
C ARG B 28 11.48 31.17 -27.23
N GLY B 29 12.61 30.49 -27.01
CA GLY B 29 13.91 31.15 -26.91
C GLY B 29 14.49 31.36 -25.52
N TYR B 30 13.76 30.94 -24.49
CA TYR B 30 14.26 31.06 -23.12
C TYR B 30 15.40 30.07 -22.87
N THR B 31 16.48 30.57 -22.27
CA THR B 31 17.75 29.84 -22.17
C THR B 31 18.19 29.48 -20.75
N ASN B 32 17.40 29.88 -19.74
CA ASN B 32 17.77 29.68 -18.36
C ASN B 32 16.58 29.13 -17.55
N VAL B 33 16.22 27.88 -17.86
CA VAL B 33 15.01 27.23 -17.31
C VAL B 33 15.46 26.02 -16.50
N THR B 34 14.91 25.90 -15.29
CA THR B 34 15.20 24.76 -14.43
C THR B 34 13.86 24.17 -13.98
N VAL B 35 13.78 22.85 -14.01
CA VAL B 35 12.58 22.11 -13.59
C VAL B 35 12.96 21.23 -12.41
N LEU B 36 12.11 21.25 -11.37
CA LEU B 36 12.34 20.45 -10.17
C LEU B 36 11.24 19.40 -9.99
N ASP B 37 11.62 18.16 -9.70
CA ASP B 37 10.66 17.09 -9.43
C ASP B 37 11.29 16.05 -8.49
N PRO B 38 10.52 15.56 -7.47
CA PRO B 38 11.07 14.55 -6.55
C PRO B 38 11.30 13.17 -7.17
N TYR B 39 10.78 12.96 -8.39
CA TYR B 39 10.92 11.66 -9.05
C TYR B 39 11.61 11.87 -10.39
N PRO B 40 12.37 10.85 -10.85
CA PRO B 40 12.95 10.93 -12.20
C PRO B 40 11.84 10.93 -13.25
N VAL B 41 12.08 11.58 -14.38
CA VAL B 41 11.17 11.51 -15.53
C VAL B 41 11.19 10.06 -16.07
N PRO B 42 10.01 9.43 -16.27
CA PRO B 42 8.66 9.93 -15.97
C PRO B 42 8.26 9.61 -14.53
N SER B 43 7.74 10.62 -13.83
CA SER B 43 7.49 10.52 -12.40
C SER B 43 6.47 9.42 -12.13
N ALA B 44 6.72 8.61 -11.11
CA ALA B 44 5.76 7.57 -10.74
C ALA B 44 4.45 8.16 -10.20
N ILE B 45 4.46 9.41 -9.77
CA ILE B 45 3.20 10.04 -9.33
C ILE B 45 2.60 11.02 -10.35
N SER B 46 3.17 11.07 -11.54
CA SER B 46 2.57 11.90 -12.58
C SER B 46 1.35 11.17 -13.13
N ALA B 47 0.23 11.91 -13.28
CA ALA B 47 -1.00 11.34 -13.90
C ALA B 47 -0.74 11.07 -15.39
N GLY B 48 0.31 11.66 -15.95
CA GLY B 48 0.64 11.42 -17.38
C GLY B 48 1.50 10.18 -17.59
N ASN B 49 1.93 9.54 -16.49
CA ASN B 49 2.76 8.35 -16.59
C ASN B 49 1.87 7.09 -16.69
N ASP B 50 1.42 6.82 -17.91
CA ASP B 50 0.35 5.85 -18.20
C ASP B 50 0.62 5.40 -19.64
N VAL B 51 0.36 4.14 -19.94
CA VAL B 51 0.61 3.64 -21.30
C VAL B 51 -0.36 4.18 -22.35
N ASN B 52 -1.46 4.76 -21.89
CA ASN B 52 -2.43 5.43 -22.79
C ASN B 52 -3.34 6.42 -22.09
N LYS B 53 -3.80 7.40 -22.86
CA LYS B 53 -4.85 8.32 -22.46
C LYS B 53 -5.80 8.50 -23.65
N VAL B 54 -7.06 8.82 -23.38
CA VAL B 54 -8.01 9.10 -24.45
C VAL B 54 -7.69 10.47 -25.04
N ILE B 55 -7.64 10.53 -26.37
CA ILE B 55 -7.47 11.81 -27.08
C ILE B 55 -8.71 12.01 -27.96
N SER B 56 -9.45 13.07 -27.70
CA SER B 56 -10.67 13.34 -28.48
C SER B 56 -10.61 14.72 -29.10
N SER B 57 -11.12 14.80 -30.34
CA SER B 57 -11.35 16.03 -31.11
C SER B 57 -10.58 17.27 -30.64
N ILE B 67 -17.88 29.75 -31.01
CA ILE B 67 -16.79 28.84 -30.66
C ILE B 67 -16.38 29.03 -29.20
N GLU B 68 -16.48 27.96 -28.42
CA GLU B 68 -16.15 27.99 -27.00
C GLU B 68 -14.64 27.89 -26.77
N VAL B 69 -14.19 28.45 -25.64
CA VAL B 69 -12.77 28.45 -25.26
C VAL B 69 -12.21 27.03 -25.19
N ASN B 70 -12.92 26.11 -24.54
CA ASN B 70 -12.43 24.75 -24.43
C ASN B 70 -12.21 24.09 -25.80
N GLU B 71 -13.05 24.41 -26.79
CA GLU B 71 -12.80 23.92 -28.16
C GLU B 71 -11.62 24.57 -28.85
N ILE B 72 -11.38 25.85 -28.58
CA ILE B 72 -10.16 26.50 -29.06
C ILE B 72 -8.94 25.75 -28.52
N LEU B 73 -8.88 25.60 -27.20
CA LEU B 73 -7.76 24.91 -26.57
C LEU B 73 -7.65 23.45 -26.98
N ALA B 74 -8.80 22.77 -27.14
CA ALA B 74 -8.79 21.36 -27.55
C ALA B 74 -8.30 21.17 -29.00
N GLU B 75 -8.73 22.06 -29.89
CA GLU B 75 -8.31 22.05 -31.30
C GLU B 75 -6.78 22.26 -31.41
N GLU B 76 -6.23 23.16 -30.60
CA GLU B 76 -4.80 23.42 -30.60
C GLU B 76 -4.02 22.18 -30.12
N ALA B 77 -4.52 21.54 -29.08
CA ALA B 77 -3.89 20.31 -28.56
C ALA B 77 -3.90 19.22 -29.64
N PHE B 78 -5.07 19.03 -30.24
CA PHE B 78 -5.26 17.98 -31.24
C PHE B 78 -4.36 18.21 -32.44
N ASN B 79 -4.24 19.47 -32.88
CA ASN B 79 -3.32 19.82 -33.96
C ASN B 79 -1.86 19.53 -33.61
N GLY B 80 -1.51 19.55 -32.32
CA GLY B 80 -0.17 19.13 -31.89
C GLY B 80 0.06 17.64 -32.06
N TRP B 81 -0.91 16.83 -31.65
CA TRP B 81 -0.82 15.39 -31.83
C TRP B 81 -0.74 15.04 -33.32
N LYS B 82 -1.48 15.80 -34.13
CA LYS B 82 -1.56 15.56 -35.59
C LYS B 82 -0.38 16.08 -36.39
N ASN B 83 0.18 17.20 -35.97
CA ASN B 83 1.09 18.00 -36.81
C ASN B 83 2.48 18.25 -36.25
N ASP B 84 2.65 18.09 -34.94
CA ASP B 84 3.95 18.36 -34.33
C ASP B 84 4.78 17.09 -34.36
N PRO B 85 5.87 17.09 -35.15
CA PRO B 85 6.70 15.89 -35.28
C PRO B 85 7.15 15.28 -33.95
N LEU B 86 7.25 16.08 -32.89
CA LEU B 86 7.62 15.54 -31.58
C LEU B 86 6.54 14.58 -31.05
N PHE B 87 5.28 14.93 -31.28
CA PHE B 87 4.12 14.21 -30.69
C PHE B 87 3.44 13.19 -31.59
N LYS B 88 3.49 13.46 -32.89
CA LYS B 88 2.89 12.59 -33.91
C LYS B 88 3.09 11.09 -33.73
N PRO B 89 4.32 10.65 -33.40
CA PRO B 89 4.62 9.21 -33.23
C PRO B 89 3.81 8.52 -32.13
N TYR B 90 3.21 9.28 -31.22
CA TYR B 90 2.55 8.70 -30.03
C TYR B 90 1.02 8.72 -30.09
N TYR B 91 0.50 9.33 -31.15
CA TYR B 91 -0.95 9.43 -31.32
C TYR B 91 -1.48 8.32 -32.22
N HIS B 92 -2.56 7.67 -31.79
CA HIS B 92 -3.18 6.57 -32.56
C HIS B 92 -4.65 6.89 -32.86
N ASP B 93 -4.92 7.15 -34.15
CA ASP B 93 -6.26 7.56 -34.57
C ASP B 93 -7.22 6.36 -34.75
N THR B 94 -7.51 5.69 -33.64
CA THR B 94 -8.26 4.42 -33.67
C THR B 94 -9.78 4.64 -33.76
N GLY B 95 -10.19 5.87 -33.52
CA GLY B 95 -11.62 6.14 -33.33
C GLY B 95 -11.97 5.92 -31.88
N LEU B 96 -13.19 6.29 -31.50
CA LEU B 96 -13.62 6.31 -30.11
C LEU B 96 -15.12 6.12 -29.97
N LEU B 97 -15.51 5.17 -29.13
CA LEU B 97 -16.90 5.03 -28.75
C LEU B 97 -17.12 5.81 -27.46
N MSE B 98 -18.08 6.72 -27.46
CA MSE B 98 -18.53 7.40 -26.25
C MSE B 98 -19.96 6.98 -25.96
O MSE B 98 -20.85 7.21 -26.77
CB MSE B 98 -18.41 8.94 -26.34
CG MSE B 98 -18.48 9.58 -27.72
SE MSE B 98 -17.61 11.38 -27.72
CE MSE B 98 -19.09 12.46 -27.02
N SER B 99 -20.18 6.39 -24.79
CA SER B 99 -21.47 5.78 -24.50
C SER B 99 -21.92 5.99 -23.08
N ALA B 100 -23.18 5.60 -22.81
CA ALA B 100 -23.74 5.66 -21.47
C ALA B 100 -24.84 4.60 -21.29
N CYS B 101 -25.44 4.57 -20.11
CA CYS B 101 -26.50 3.62 -19.81
C CYS B 101 -27.77 4.31 -19.30
N SER B 102 -27.63 5.53 -18.84
CA SER B 102 -28.80 6.30 -18.36
C SER B 102 -29.02 7.53 -19.22
N GLN B 103 -30.17 8.20 -19.09
CA GLN B 103 -30.36 9.43 -19.85
C GLN B 103 -29.50 10.58 -19.30
N GLU B 104 -29.33 10.64 -17.97
CA GLU B 104 -28.43 11.61 -17.36
C GLU B 104 -27.00 11.43 -17.93
N GLY B 105 -26.55 10.18 -18.01
CA GLY B 105 -25.20 9.91 -18.52
C GLY B 105 -25.04 10.30 -19.98
N LEU B 106 -26.05 9.94 -20.78
CA LEU B 106 -26.03 10.29 -22.19
C LEU B 106 -25.99 11.81 -22.40
N ASP B 107 -26.80 12.53 -21.63
CA ASP B 107 -26.84 13.99 -21.70
C ASP B 107 -25.51 14.66 -21.37
N ARG B 108 -24.76 14.09 -20.43
CA ARG B 108 -23.46 14.66 -20.03
C ARG B 108 -22.31 14.32 -20.98
N LEU B 109 -22.61 13.60 -22.06
CA LEU B 109 -21.62 13.36 -23.11
C LEU B 109 -21.39 14.63 -23.93
N ASN B 120 -19.22 12.08 -39.21
CA ASN B 120 -18.20 11.28 -38.50
C ASN B 120 -18.76 10.47 -37.32
N LEU B 121 -19.88 10.93 -36.74
CA LEU B 121 -20.51 10.19 -35.64
C LEU B 121 -21.66 9.30 -36.09
N VAL B 122 -21.71 8.09 -35.55
CA VAL B 122 -22.83 7.17 -35.78
C VAL B 122 -23.41 6.76 -34.42
N GLU B 123 -24.74 6.63 -34.36
CA GLU B 123 -25.42 6.23 -33.14
C GLU B 123 -25.50 4.71 -33.03
N LEU B 124 -25.32 4.21 -31.82
CA LEU B 124 -25.41 2.78 -31.51
C LEU B 124 -26.38 2.58 -30.35
N THR B 125 -27.35 1.70 -30.55
CA THR B 125 -28.42 1.48 -29.55
C THR B 125 -28.64 0.00 -29.27
N ARG B 126 -27.99 -0.86 -30.05
CA ARG B 126 -28.17 -2.30 -29.98
C ARG B 126 -26.85 -3.03 -29.74
N PRO B 127 -26.87 -4.08 -28.89
CA PRO B 127 -25.68 -4.89 -28.57
C PRO B 127 -24.90 -5.37 -29.81
N GLU B 128 -25.61 -5.86 -30.83
CA GLU B 128 -25.01 -6.30 -32.09
C GLU B 128 -24.11 -5.25 -32.73
N GLN B 129 -24.52 -3.98 -32.64
CA GLN B 129 -23.75 -2.86 -33.20
C GLN B 129 -22.42 -2.69 -32.47
N PHE B 130 -22.47 -2.69 -31.13
CA PHE B 130 -21.26 -2.54 -30.35
C PHE B 130 -20.25 -3.64 -30.65
N ARG B 131 -20.72 -4.88 -30.70
CA ARG B 131 -19.83 -6.03 -30.98
C ARG B 131 -19.11 -5.88 -32.33
N LYS B 132 -19.78 -5.20 -33.27
CA LYS B 132 -19.22 -4.96 -34.61
C LYS B 132 -18.11 -3.90 -34.66
N LEU B 133 -17.83 -3.24 -33.53
CA LEU B 133 -16.77 -2.22 -33.48
C LEU B 133 -15.36 -2.82 -33.52
N ALA B 134 -15.26 -4.13 -33.33
CA ALA B 134 -13.97 -4.81 -33.37
C ALA B 134 -14.15 -6.20 -33.99
N PRO B 135 -13.03 -6.84 -34.37
CA PRO B 135 -13.15 -8.17 -34.96
C PRO B 135 -13.86 -9.18 -34.07
N GLU B 136 -14.50 -10.15 -34.71
CA GLU B 136 -15.14 -11.26 -34.02
C GLU B 136 -14.17 -11.87 -33.02
N GLY B 137 -14.65 -11.99 -31.78
CA GLY B 137 -13.87 -12.55 -30.69
C GLY B 137 -13.33 -11.51 -29.71
N VAL B 138 -13.41 -10.23 -30.07
CA VAL B 138 -12.93 -9.16 -29.18
C VAL B 138 -14.04 -8.64 -28.26
N LEU B 139 -15.02 -7.96 -28.85
CA LEU B 139 -16.12 -7.45 -28.07
C LEU B 139 -17.27 -8.46 -28.03
N GLN B 140 -17.09 -9.46 -27.17
CA GLN B 140 -18.05 -10.57 -27.02
C GLN B 140 -19.26 -10.25 -26.13
N GLY B 141 -19.20 -9.14 -25.39
CA GLY B 141 -20.22 -8.82 -24.39
C GLY B 141 -21.61 -8.46 -24.87
N ASP B 142 -22.55 -8.37 -23.92
CA ASP B 142 -23.95 -8.04 -24.26
C ASP B 142 -24.30 -6.54 -24.19
N PHE B 143 -23.34 -5.71 -23.79
CA PHE B 143 -23.52 -4.24 -23.72
C PHE B 143 -24.91 -3.83 -23.22
N PRO B 144 -25.32 -4.37 -22.05
CA PRO B 144 -26.71 -4.21 -21.59
C PRO B 144 -27.03 -2.74 -21.32
N GLY B 145 -28.03 -2.23 -22.02
CA GLY B 145 -28.45 -0.83 -21.84
C GLY B 145 -27.53 0.24 -22.39
N TRP B 146 -26.45 -0.16 -23.05
CA TRP B 146 -25.50 0.80 -23.62
C TRP B 146 -26.10 1.52 -24.83
N LYS B 147 -25.92 2.83 -24.86
CA LYS B 147 -26.29 3.65 -26.00
C LYS B 147 -25.15 4.64 -26.17
N GLY B 148 -24.78 4.93 -27.40
CA GLY B 148 -23.64 5.81 -27.57
C GLY B 148 -23.44 6.31 -28.97
N TYR B 149 -22.27 6.92 -29.17
CA TYR B 149 -21.88 7.50 -30.44
C TYR B 149 -20.44 7.08 -30.74
N PHE B 150 -20.23 6.60 -31.97
CA PHE B 150 -18.93 6.14 -32.37
C PHE B 150 -18.32 7.10 -33.37
N ALA B 151 -17.15 7.64 -33.02
CA ALA B 151 -16.39 8.51 -33.91
C ALA B 151 -15.31 7.69 -34.59
N ARG B 152 -15.49 7.42 -35.89
CA ARG B 152 -14.59 6.55 -36.66
C ARG B 152 -13.13 7.01 -36.66
N SER B 153 -12.92 8.33 -36.74
CA SER B 153 -11.57 8.89 -36.83
C SER B 153 -11.60 10.26 -36.16
N GLY B 154 -10.46 10.92 -36.09
CA GLY B 154 -10.39 12.21 -35.41
C GLY B 154 -10.40 12.08 -33.90
N ALA B 155 -10.19 10.86 -33.42
CA ALA B 155 -10.16 10.56 -31.99
C ALA B 155 -9.46 9.23 -31.78
N GLY B 156 -8.96 9.03 -30.58
CA GLY B 156 -8.27 7.78 -30.28
C GLY B 156 -7.50 7.93 -28.97
N TRP B 157 -6.21 7.60 -29.02
CA TRP B 157 -5.39 7.50 -27.82
C TRP B 157 -3.93 7.88 -28.08
N ALA B 158 -3.21 8.26 -27.04
CA ALA B 158 -1.79 8.59 -27.16
C ALA B 158 -1.01 7.82 -26.12
N HIS B 159 0.22 7.41 -26.43
CA HIS B 159 1.06 6.74 -25.45
C HIS B 159 1.56 7.80 -24.50
N ALA B 160 0.86 7.97 -23.38
CA ALA B 160 1.08 9.14 -22.53
C ALA B 160 2.52 9.20 -21.97
N ARG B 161 2.97 8.10 -21.39
CA ARG B 161 4.32 8.02 -20.82
C ARG B 161 5.40 8.32 -21.87
N ASN B 162 5.32 7.67 -23.03
CA ASN B 162 6.33 7.94 -24.08
C ASN B 162 6.30 9.39 -24.59
N ALA B 163 5.10 9.96 -24.73
CA ALA B 163 4.98 11.37 -25.15
C ALA B 163 5.55 12.30 -24.10
N LEU B 164 5.29 12.00 -22.82
CA LEU B 164 5.88 12.78 -21.74
C LEU B 164 7.42 12.74 -21.74
N VAL B 165 7.96 11.53 -21.82
CA VAL B 165 9.42 11.36 -21.82
C VAL B 165 10.02 12.07 -23.05
N ALA B 166 9.39 11.94 -24.21
CA ALA B 166 9.89 12.61 -25.42
C ALA B 166 9.93 14.13 -25.26
N ALA B 167 8.87 14.69 -24.67
CA ALA B 167 8.80 16.12 -24.51
C ALA B 167 9.89 16.61 -23.53
N ALA B 168 10.09 15.87 -22.44
CA ALA B 168 11.15 16.19 -21.47
C ALA B 168 12.52 16.13 -22.14
N ARG B 169 12.77 15.05 -22.88
CA ARG B 169 14.05 14.87 -23.57
C ARG B 169 14.31 16.01 -24.56
N GLU B 170 13.26 16.46 -25.25
CA GLU B 170 13.37 17.55 -26.20
C GLU B 170 13.65 18.88 -25.49
N ALA B 171 12.95 19.14 -24.39
CA ALA B 171 13.24 20.36 -23.62
C ALA B 171 14.70 20.37 -23.14
N GLN B 172 15.18 19.22 -22.66
N GLN B 172 15.17 19.21 -22.67
CA GLN B 172 16.55 19.09 -22.22
CA GLN B 172 16.54 19.03 -22.20
C GLN B 172 17.53 19.31 -23.37
C GLN B 172 17.55 19.25 -23.34
N ARG B 173 17.26 18.70 -24.51
CA ARG B 173 18.09 18.92 -25.71
C ARG B 173 18.21 20.41 -26.04
N MSE B 174 17.14 21.17 -25.79
CA MSE B 174 17.17 22.62 -26.02
C MSE B 174 17.66 23.44 -24.82
O MSE B 174 17.53 24.68 -24.83
CB MSE B 174 15.82 23.11 -26.50
CG MSE B 174 15.44 22.55 -27.87
SE MSE B 174 13.81 23.35 -28.51
CE MSE B 174 14.54 25.13 -28.95
N GLY B 175 18.20 22.77 -23.81
CA GLY B 175 18.95 23.43 -22.73
C GLY B 175 18.24 23.48 -21.38
N VAL B 176 17.03 22.93 -21.30
CA VAL B 176 16.32 23.00 -20.03
C VAL B 176 17.00 22.06 -19.05
N LYS B 177 17.21 22.54 -17.82
CA LYS B 177 17.87 21.74 -16.78
C LYS B 177 16.81 21.02 -15.93
N PHE B 178 16.83 19.68 -15.92
CA PHE B 178 15.86 18.93 -15.10
C PHE B 178 16.61 18.46 -13.85
N VAL B 179 16.12 18.84 -12.66
CA VAL B 179 16.70 18.39 -11.40
C VAL B 179 15.67 17.48 -10.77
N THR B 180 15.92 16.18 -10.87
CA THR B 180 14.88 15.19 -10.53
C THR B 180 15.39 14.19 -9.50
N GLY B 181 14.48 13.72 -8.64
CA GLY B 181 14.88 12.77 -7.63
C GLY B 181 14.73 13.42 -6.27
N THR B 182 14.84 12.61 -5.23
CA THR B 182 14.71 13.07 -3.86
C THR B 182 16.06 12.85 -3.18
N PRO B 183 16.55 13.82 -2.39
CA PRO B 183 15.93 15.10 -2.02
C PRO B 183 16.09 16.24 -3.01
N GLN B 184 17.00 16.14 -3.98
CA GLN B 184 17.39 17.32 -4.78
C GLN B 184 16.25 18.04 -5.53
N GLY B 185 15.28 17.28 -6.03
CA GLY B 185 14.17 17.83 -6.80
C GLY B 185 12.86 17.98 -6.04
N ARG B 186 12.86 17.65 -4.74
CA ARG B 186 11.63 17.71 -3.94
C ARG B 186 11.46 19.07 -3.29
N VAL B 187 10.56 19.88 -3.83
CA VAL B 187 10.31 21.21 -3.27
C VAL B 187 9.64 21.03 -1.91
N VAL B 188 10.18 21.74 -0.92
CA VAL B 188 9.56 21.73 0.43
C VAL B 188 8.83 23.03 0.77
N THR B 189 9.16 24.12 0.07
CA THR B 189 8.44 25.39 0.21
C THR B 189 8.81 26.32 -0.94
N LEU B 190 7.89 27.21 -1.29
CA LEU B 190 8.23 28.34 -2.15
C LEU B 190 8.91 29.37 -1.24
N ILE B 191 9.64 30.30 -1.85
CA ILE B 191 10.29 31.36 -1.11
C ILE B 191 9.36 32.57 -1.08
N PHE B 192 8.81 32.86 0.09
CA PHE B 192 7.89 33.99 0.24
C PHE B 192 8.63 35.17 0.85
N GLU B 193 8.79 36.25 0.07
CA GLU B 193 9.58 37.41 0.46
C GLU B 193 8.84 38.66 -0.01
N ASN B 194 8.51 39.54 0.94
CA ASN B 194 7.78 40.78 0.64
C ASN B 194 6.56 40.59 -0.28
N ASN B 195 5.70 39.65 0.13
N ASN B 195 5.68 39.65 0.03
CA ASN B 195 4.44 39.27 -0.54
CA ASN B 195 4.46 39.63 -0.74
C ASN B 195 4.56 38.88 -2.01
C ASN B 195 4.70 39.14 -2.17
N ASP B 196 5.70 38.27 -2.34
CA ASP B 196 5.97 37.69 -3.67
C ASP B 196 6.61 36.32 -3.48
N VAL B 197 6.61 35.53 -4.54
CA VAL B 197 7.30 34.24 -4.55
C VAL B 197 8.58 34.43 -5.35
N LYS B 198 9.71 34.17 -4.72
CA LYS B 198 11.04 34.43 -5.33
C LYS B 198 11.75 33.17 -5.84
N GLY B 199 11.07 32.02 -5.75
CA GLY B 199 11.65 30.74 -6.09
C GLY B 199 11.18 29.64 -5.13
N ALA B 200 12.04 28.66 -4.93
CA ALA B 200 11.69 27.49 -4.12
C ALA B 200 12.89 26.95 -3.39
N VAL B 201 12.60 26.12 -2.37
CA VAL B 201 13.62 25.47 -1.59
C VAL B 201 13.31 23.97 -1.70
N THR B 202 14.33 23.18 -1.98
CA THR B 202 14.20 21.74 -2.07
C THR B 202 14.66 21.05 -0.77
N ALA B 203 14.44 19.75 -0.67
CA ALA B 203 14.49 19.03 0.60
C ALA B 203 15.93 18.84 1.09
N ASP B 204 16.89 19.07 0.20
CA ASP B 204 18.31 19.11 0.58
C ASP B 204 18.70 20.48 1.15
N GLY B 205 17.73 21.38 1.26
CA GLY B 205 17.97 22.73 1.77
C GLY B 205 18.31 23.77 0.70
N LYS B 206 18.49 23.31 -0.53
CA LYS B 206 19.02 24.18 -1.57
C LYS B 206 18.01 25.27 -1.97
N ILE B 207 18.55 26.48 -2.15
CA ILE B 207 17.75 27.65 -2.52
C ILE B 207 17.80 27.89 -4.02
N TRP B 208 16.62 27.88 -4.64
CA TRP B 208 16.47 28.07 -6.07
C TRP B 208 15.76 29.39 -6.30
N ARG B 209 16.52 30.47 -6.45
CA ARG B 209 15.91 31.77 -6.75
C ARG B 209 15.64 31.92 -8.24
N ALA B 210 14.52 32.53 -8.58
CA ALA B 210 14.13 32.72 -9.97
C ALA B 210 13.31 34.00 -10.17
N GLU B 211 13.42 34.56 -11.36
N GLU B 211 13.45 34.60 -11.35
CA GLU B 211 12.66 35.75 -11.72
CA GLU B 211 12.66 35.77 -11.74
C GLU B 211 11.16 35.47 -11.89
C GLU B 211 11.17 35.45 -11.85
N ARG B 212 10.85 34.26 -12.36
CA ARG B 212 9.48 33.75 -12.35
C ARG B 212 9.50 32.28 -11.93
N THR B 213 8.44 31.91 -11.23
CA THR B 213 8.26 30.54 -10.75
C THR B 213 6.92 30.05 -11.27
N PHE B 214 6.94 28.89 -11.95
CA PHE B 214 5.73 28.22 -12.43
C PHE B 214 5.40 27.07 -11.50
N LEU B 215 4.16 27.07 -11.00
CA LEU B 215 3.73 25.95 -10.13
C LEU B 215 2.91 24.94 -10.96
N CYS B 216 3.50 23.78 -11.24
CA CYS B 216 2.89 22.74 -12.09
C CYS B 216 2.99 21.37 -11.41
N ALA B 217 2.69 21.35 -10.11
CA ALA B 217 2.83 20.12 -9.31
C ALA B 217 1.58 19.22 -9.28
N GLY B 218 0.65 19.45 -10.22
CA GLY B 218 -0.56 18.61 -10.35
C GLY B 218 -1.30 18.50 -9.03
N ALA B 219 -1.63 17.27 -8.65
CA ALA B 219 -2.39 17.01 -7.43
C ALA B 219 -1.72 17.52 -6.15
N SER B 220 -0.39 17.70 -6.19
CA SER B 220 0.36 18.22 -5.02
C SER B 220 0.48 19.75 -4.94
N ALA B 221 -0.07 20.46 -5.92
CA ALA B 221 0.16 21.92 -5.98
C ALA B 221 -0.34 22.66 -4.73
N GLY B 222 -1.43 22.17 -4.16
CA GLY B 222 -2.01 22.83 -3.00
C GLY B 222 -1.15 22.82 -1.75
N GLN B 223 -0.13 21.98 -1.72
CA GLN B 223 0.80 21.96 -0.58
C GLN B 223 1.56 23.31 -0.45
N PHE B 224 1.79 23.98 -1.57
CA PHE B 224 2.73 25.10 -1.62
C PHE B 224 2.20 26.52 -1.45
N LEU B 225 0.88 26.68 -1.61
CA LEU B 225 0.29 27.99 -1.75
C LEU B 225 -1.13 27.89 -1.22
N ASP B 226 -1.67 29.00 -0.71
CA ASP B 226 -3.09 29.02 -0.32
C ASP B 226 -3.95 29.18 -1.59
N PHE B 227 -4.51 28.08 -2.07
CA PHE B 227 -5.35 28.15 -3.27
C PHE B 227 -6.79 28.59 -2.95
N LYS B 228 -7.05 28.87 -1.68
CA LYS B 228 -8.38 29.35 -1.28
C LYS B 228 -9.44 28.34 -1.75
N ASN B 229 -9.17 27.05 -1.52
CA ASN B 229 -10.09 25.94 -1.80
C ASN B 229 -10.28 25.62 -3.27
N GLN B 230 -9.49 26.25 -4.14
CA GLN B 230 -9.72 26.07 -5.57
C GLN B 230 -9.40 24.68 -6.11
N LEU B 231 -8.56 23.93 -5.41
CA LEU B 231 -8.15 22.60 -5.88
C LEU B 231 -8.65 21.51 -4.96
N ARG B 232 -9.23 20.47 -5.56
CA ARG B 232 -9.53 19.26 -4.82
C ARG B 232 -8.75 18.10 -5.40
N PRO B 233 -7.60 17.77 -4.80
CA PRO B 233 -6.87 16.56 -5.22
C PRO B 233 -7.80 15.33 -5.16
N THR B 234 -7.90 14.62 -6.27
CA THR B 234 -8.82 13.51 -6.39
C THR B 234 -8.15 12.42 -7.23
N ALA B 235 -8.41 11.16 -6.90
CA ALA B 235 -7.76 10.01 -7.55
C ALA B 235 -8.71 9.08 -8.30
N TRP B 236 -8.22 8.59 -9.43
CA TRP B 236 -8.87 7.49 -10.14
C TRP B 236 -7.97 6.26 -10.19
N THR B 237 -8.50 5.21 -10.80
CA THR B 237 -7.97 3.87 -10.66
C THR B 237 -7.71 3.24 -12.03
N LEU B 238 -6.63 2.49 -12.16
CA LEU B 238 -6.36 1.82 -13.44
C LEU B 238 -5.72 0.47 -13.17
N VAL B 239 -5.96 -0.46 -14.09
CA VAL B 239 -5.31 -1.77 -14.06
C VAL B 239 -4.85 -2.16 -15.45
N HIS B 240 -3.95 -3.14 -15.51
CA HIS B 240 -3.55 -3.76 -16.77
C HIS B 240 -3.89 -5.22 -16.70
N ILE B 241 -4.27 -5.78 -17.84
CA ILE B 241 -4.36 -7.23 -18.02
C ILE B 241 -3.42 -7.62 -19.16
N ALA B 242 -2.53 -8.58 -18.92
CA ALA B 242 -1.56 -8.99 -19.95
C ALA B 242 -2.15 -10.07 -20.85
N LEU B 243 -2.20 -9.79 -22.14
CA LEU B 243 -2.62 -10.78 -23.13
C LEU B 243 -1.47 -11.73 -23.48
N LYS B 244 -1.80 -12.99 -23.77
CA LYS B 244 -0.77 -13.94 -24.22
C LYS B 244 -0.24 -13.54 -25.61
N PRO B 245 1.03 -13.88 -25.92
CA PRO B 245 1.56 -13.51 -27.24
C PRO B 245 0.60 -13.82 -28.41
N GLU B 246 -0.01 -15.00 -28.40
CA GLU B 246 -0.90 -15.41 -29.49
C GLU B 246 -2.24 -14.69 -29.53
N GLU B 247 -2.62 -14.05 -28.42
CA GLU B 247 -3.87 -13.28 -28.34
C GLU B 247 -3.73 -11.86 -28.87
N ARG B 248 -2.53 -11.31 -28.85
CA ARG B 248 -2.32 -9.88 -29.07
C ARG B 248 -2.87 -9.34 -30.40
N ALA B 249 -2.60 -10.06 -31.49
CA ALA B 249 -2.93 -9.60 -32.83
C ALA B 249 -4.41 -9.25 -33.03
N LEU B 250 -5.29 -10.07 -32.46
CA LEU B 250 -6.72 -9.90 -32.61
C LEU B 250 -7.21 -8.56 -32.05
N TYR B 251 -6.56 -8.10 -30.99
CA TYR B 251 -6.98 -6.89 -30.28
C TYR B 251 -6.37 -5.60 -30.82
N LYS B 252 -5.48 -5.73 -31.80
CA LYS B 252 -4.72 -4.56 -32.29
C LYS B 252 -5.63 -3.59 -33.04
N ASN B 253 -5.38 -2.29 -32.85
CA ASN B 253 -6.10 -1.23 -33.56
C ASN B 253 -7.60 -1.12 -33.29
N ILE B 254 -8.11 -1.75 -32.24
CA ILE B 254 -9.52 -1.56 -31.89
C ILE B 254 -9.77 -0.09 -31.47
N PRO B 255 -11.02 0.43 -31.65
CA PRO B 255 -11.31 1.78 -31.18
C PRO B 255 -11.25 1.82 -29.65
N VAL B 256 -10.97 2.99 -29.10
CA VAL B 256 -11.12 3.17 -27.65
C VAL B 256 -12.59 2.96 -27.29
N ILE B 257 -12.85 2.15 -26.25
CA ILE B 257 -14.22 1.89 -25.79
C ILE B 257 -14.41 2.62 -24.47
N PHE B 258 -15.33 3.59 -24.44
CA PHE B 258 -15.62 4.43 -23.25
C PHE B 258 -17.10 4.49 -22.95
N ASN B 259 -17.44 4.18 -21.70
CA ASN B 259 -18.80 4.39 -21.21
C ASN B 259 -18.74 5.24 -19.93
N ILE B 260 -19.39 6.40 -19.96
CA ILE B 260 -19.24 7.42 -18.90
C ILE B 260 -19.68 6.89 -17.53
N GLU B 261 -20.43 5.79 -17.53
CA GLU B 261 -20.98 5.21 -16.31
C GLU B 261 -20.36 3.87 -15.95
N ARG B 262 -19.39 3.43 -16.75
CA ARG B 262 -18.78 2.11 -16.56
C ARG B 262 -17.25 2.14 -16.53
N GLY B 263 -16.66 2.75 -17.55
CA GLY B 263 -15.20 2.76 -17.66
C GLY B 263 -14.79 2.75 -19.10
N PHE B 264 -13.48 2.52 -19.31
CA PHE B 264 -12.94 2.51 -20.65
C PHE B 264 -11.67 1.67 -20.73
N PHE B 265 -11.31 1.29 -21.95
CA PHE B 265 -10.09 0.50 -22.19
C PHE B 265 -9.61 0.72 -23.61
N PHE B 266 -8.38 0.24 -23.85
CA PHE B 266 -7.60 0.55 -25.05
C PHE B 266 -7.05 -0.77 -25.64
N GLU B 267 -6.63 -0.73 -26.90
CA GLU B 267 -5.90 -1.86 -27.48
C GLU B 267 -4.64 -2.15 -26.63
N PRO B 268 -4.14 -3.41 -26.66
CA PRO B 268 -2.96 -3.75 -25.84
C PRO B 268 -1.73 -2.94 -26.20
N ASP B 269 -0.91 -2.64 -25.20
CA ASP B 269 0.32 -1.86 -25.46
C ASP B 269 1.35 -2.70 -26.22
N GLU B 270 2.33 -2.05 -26.84
CA GLU B 270 3.33 -2.78 -27.62
C GLU B 270 4.36 -3.51 -26.74
N GLU B 271 4.75 -2.89 -25.64
CA GLU B 271 5.79 -3.39 -24.76
C GLU B 271 5.46 -4.71 -24.04
N ARG B 272 4.23 -4.84 -23.54
CA ARG B 272 3.86 -5.99 -22.72
C ARG B 272 2.57 -6.68 -23.14
N GLY B 273 1.95 -6.19 -24.23
CA GLY B 273 0.67 -6.71 -24.67
C GLY B 273 -0.43 -6.52 -23.63
N GLU B 274 -0.33 -5.42 -22.87
CA GLU B 274 -1.26 -5.17 -21.76
C GLU B 274 -2.38 -4.22 -22.14
N ILE B 275 -3.61 -4.68 -21.91
CA ILE B 275 -4.81 -3.85 -22.01
C ILE B 275 -4.98 -3.06 -20.71
N LYS B 276 -4.96 -1.73 -20.85
CA LYS B 276 -5.20 -0.81 -19.70
C LYS B 276 -6.70 -0.53 -19.60
N ILE B 277 -7.25 -0.71 -18.39
CA ILE B 277 -8.68 -0.50 -18.13
C ILE B 277 -8.83 0.45 -16.94
N CYS B 278 -9.73 1.43 -17.08
CA CYS B 278 -10.19 2.25 -15.97
C CYS B 278 -11.68 2.04 -15.67
N ASP B 279 -12.03 1.93 -14.39
CA ASP B 279 -13.44 2.00 -13.99
C ASP B 279 -13.82 3.46 -13.80
N GLU B 280 -14.93 3.85 -14.38
CA GLU B 280 -15.46 5.21 -14.17
C GLU B 280 -16.12 5.35 -12.81
N HIS B 281 -15.85 6.48 -12.17
CA HIS B 281 -16.47 6.86 -10.90
C HIS B 281 -16.13 8.31 -10.62
N PRO B 282 -16.86 8.96 -9.67
CA PRO B 282 -16.59 10.38 -9.39
C PRO B 282 -15.28 10.69 -8.67
N GLY B 283 -14.50 9.66 -8.33
CA GLY B 283 -13.16 9.85 -7.76
C GLY B 283 -13.06 9.59 -6.28
N TYR B 284 -11.82 9.45 -5.80
CA TYR B 284 -11.53 9.29 -4.37
C TYR B 284 -10.74 10.50 -3.90
N THR B 285 -11.19 11.08 -2.79
CA THR B 285 -10.41 12.09 -2.07
C THR B 285 -9.64 11.37 -0.93
N ASN B 286 -8.73 12.10 -0.29
CA ASN B 286 -8.06 11.59 0.88
C ASN B 286 -8.07 12.68 1.91
N MSE B 287 -9.25 12.89 2.50
CA MSE B 287 -9.48 14.05 3.34
C MSE B 287 -8.80 13.86 4.68
O MSE B 287 -9.16 12.98 5.46
CB MSE B 287 -10.97 14.28 3.53
CG MSE B 287 -11.64 14.76 2.27
SE MSE B 287 -11.01 16.54 1.81
CE MSE B 287 -12.17 16.88 0.30
N VAL B 288 -7.78 14.67 4.94
CA VAL B 288 -7.01 14.55 6.18
C VAL B 288 -7.26 15.78 7.03
N GLN B 289 -7.45 15.55 8.32
CA GLN B 289 -7.72 16.62 9.26
C GLN B 289 -6.41 17.12 9.89
N SER B 290 -6.16 18.42 9.76
CA SER B 290 -5.05 19.08 10.43
C SER B 290 -5.45 19.37 11.89
N ALA B 291 -4.49 19.82 12.68
CA ALA B 291 -4.76 20.30 14.05
C ALA B 291 -5.69 21.53 14.02
N ASP B 292 -5.57 22.30 12.95
CA ASP B 292 -6.39 23.49 12.69
C ASP B 292 -7.89 23.20 12.71
N GLY B 293 -8.23 21.91 12.60
CA GLY B 293 -9.61 21.46 12.44
C GLY B 293 -9.99 21.40 10.97
N THR B 294 -9.15 22.02 10.13
CA THR B 294 -9.40 22.14 8.71
C THR B 294 -9.13 20.81 7.98
N MSE B 295 -9.76 20.62 6.82
N MSE B 295 -9.79 20.61 6.83
CA MSE B 295 -9.65 19.38 6.03
CA MSE B 295 -9.58 19.42 6.03
C MSE B 295 -9.16 19.64 4.60
C MSE B 295 -9.01 19.77 4.66
O MSE B 295 -9.68 20.52 3.91
O MSE B 295 -9.32 20.82 4.09
CB MSE B 295 -11.01 18.65 5.98
CB MSE B 295 -10.88 18.63 5.87
CG MSE B 295 -11.57 18.24 7.35
CG MSE B 295 -11.75 19.11 4.73
SE MSE B 295 -11.28 16.37 7.80
SE MSE B 295 -13.62 18.74 5.03
CE MSE B 295 -12.67 15.56 6.70
CE MSE B 295 -13.61 16.80 4.81
N MSE B 296 -8.16 18.88 4.17
CA MSE B 296 -7.62 18.98 2.81
C MSE B 296 -7.49 17.58 2.27
O MSE B 296 -7.24 16.65 3.04
CB MSE B 296 -6.23 19.59 2.83
CG MSE B 296 -6.15 21.02 3.32
SE MSE B 296 -4.28 21.39 3.69
CE MSE B 296 -3.65 21.51 1.81
N SER B 297 -7.63 17.42 0.96
CA SER B 297 -7.35 16.14 0.33
C SER B 297 -5.86 16.04 0.01
N ILE B 298 -5.20 15.03 0.57
CA ILE B 298 -3.74 14.90 0.44
C ILE B 298 -3.36 13.66 -0.40
N PRO B 299 -2.69 13.88 -1.55
CA PRO B 299 -2.38 12.68 -2.36
C PRO B 299 -1.31 11.79 -1.75
N PHE B 300 -1.33 10.52 -2.15
CA PHE B 300 -0.27 9.58 -1.77
C PHE B 300 -0.07 8.57 -2.89
N GLU B 301 1.13 8.01 -2.99
CA GLU B 301 1.40 7.03 -4.03
C GLU B 301 0.92 5.64 -3.60
N LYS B 302 0.34 4.87 -4.52
CA LYS B 302 -0.09 3.51 -4.18
C LYS B 302 -0.16 2.70 -5.44
N THR B 303 0.58 1.59 -5.45
CA THR B 303 0.59 0.68 -6.60
C THR B 303 -0.39 -0.48 -6.38
N GLN B 304 -1.61 -0.10 -5.99
CA GLN B 304 -2.75 -1.00 -5.83
C GLN B 304 -4.00 -0.14 -6.04
N ILE B 305 -5.16 -0.80 -6.12
CA ILE B 305 -6.44 -0.08 -6.12
C ILE B 305 -7.38 -0.66 -5.07
N PRO B 306 -8.39 0.13 -4.66
CA PRO B 306 -9.38 -0.43 -3.74
C PRO B 306 -10.03 -1.67 -4.35
N LYS B 307 -10.33 -2.68 -3.53
CA LYS B 307 -10.96 -3.89 -4.03
C LYS B 307 -12.28 -3.57 -4.80
N GLU B 308 -13.01 -2.59 -4.29
CA GLU B 308 -14.26 -2.15 -4.90
C GLU B 308 -14.02 -1.66 -6.35
N ALA B 309 -12.87 -1.03 -6.61
CA ALA B 309 -12.49 -0.65 -7.99
C ALA B 309 -12.24 -1.87 -8.87
N GLU B 310 -11.58 -2.92 -8.33
CA GLU B 310 -11.41 -4.16 -9.09
C GLU B 310 -12.77 -4.70 -9.52
N THR B 311 -13.71 -4.73 -8.58
CA THR B 311 -15.05 -5.21 -8.83
C THR B 311 -15.71 -4.46 -10.00
N ARG B 312 -15.56 -3.14 -10.02
CA ARG B 312 -16.10 -2.30 -11.10
C ARG B 312 -15.44 -2.59 -12.44
N VAL B 313 -14.11 -2.73 -12.43
CA VAL B 313 -13.36 -3.11 -13.65
C VAL B 313 -13.89 -4.43 -14.23
N ARG B 314 -14.01 -5.44 -13.37
CA ARG B 314 -14.46 -6.76 -13.84
C ARG B 314 -15.92 -6.74 -14.35
N ALA B 315 -16.75 -5.89 -13.73
CA ALA B 315 -18.14 -5.66 -14.19
C ALA B 315 -18.19 -5.07 -15.59
N LEU B 316 -17.34 -4.06 -15.81
CA LEU B 316 -17.18 -3.46 -17.13
C LEU B 316 -16.74 -4.51 -18.16
N LEU B 317 -15.71 -5.28 -17.81
CA LEU B 317 -15.23 -6.34 -18.69
C LEU B 317 -16.30 -7.40 -19.02
N LYS B 318 -17.08 -7.83 -18.02
CA LYS B 318 -18.21 -8.73 -18.26
C LYS B 318 -19.10 -8.24 -19.41
N GLU B 319 -19.39 -6.94 -19.40
CA GLU B 319 -20.33 -6.35 -20.34
C GLU B 319 -19.74 -6.19 -21.74
N THR B 320 -18.43 -6.37 -21.89
CA THR B 320 -17.71 -5.92 -23.09
C THR B 320 -16.80 -7.00 -23.66
N MSE B 321 -15.87 -7.45 -22.82
CA MSE B 321 -14.89 -8.49 -23.18
C MSE B 321 -14.94 -9.55 -22.09
O MSE B 321 -13.99 -9.72 -21.31
CB MSE B 321 -13.51 -7.88 -23.30
CG MSE B 321 -13.41 -6.78 -24.34
SE MSE B 321 -11.60 -6.26 -24.78
CE MSE B 321 -11.03 -5.52 -23.01
N PRO B 322 -16.08 -10.24 -21.97
CA PRO B 322 -16.27 -11.13 -20.83
C PRO B 322 -15.24 -12.26 -20.80
N GLN B 323 -14.64 -12.55 -21.97
CA GLN B 323 -13.56 -13.54 -22.05
C GLN B 323 -12.35 -13.18 -21.20
N LEU B 324 -12.19 -11.89 -20.89
CA LEU B 324 -11.05 -11.40 -20.12
C LEU B 324 -11.42 -11.03 -18.68
N ALA B 325 -12.71 -11.15 -18.33
CA ALA B 325 -13.20 -10.53 -17.09
C ALA B 325 -12.66 -11.14 -15.80
N ASP B 326 -12.22 -12.40 -15.85
CA ASP B 326 -11.61 -13.10 -14.69
C ASP B 326 -10.07 -13.16 -14.72
N ARG B 327 -9.44 -12.49 -15.70
CA ARG B 327 -7.97 -12.54 -15.82
C ARG B 327 -7.33 -11.79 -14.66
N PRO B 328 -6.24 -12.34 -14.08
CA PRO B 328 -5.56 -11.57 -13.04
C PRO B 328 -5.00 -10.25 -13.61
N PHE B 329 -5.01 -9.19 -12.81
CA PHE B 329 -4.33 -7.96 -13.22
C PHE B 329 -2.81 -8.14 -13.13
N SER B 330 -2.11 -7.57 -14.11
CA SER B 330 -0.64 -7.55 -14.13
C SER B 330 -0.06 -6.28 -13.49
N PHE B 331 -0.89 -5.25 -13.36
CA PHE B 331 -0.49 -3.97 -12.76
C PHE B 331 -1.76 -3.27 -12.28
N ALA B 332 -1.64 -2.47 -11.22
CA ALA B 332 -2.76 -1.67 -10.70
C ALA B 332 -2.21 -0.47 -9.95
N ARG B 333 -2.80 0.70 -10.18
CA ARG B 333 -2.43 1.86 -9.36
C ARG B 333 -3.52 2.92 -9.26
N ILE B 334 -3.37 3.79 -8.28
CA ILE B 334 -4.18 5.02 -8.22
C ILE B 334 -3.41 6.14 -8.91
N CYS B 335 -4.16 7.11 -9.42
CA CYS B 335 -3.62 8.11 -10.33
C CYS B 335 -4.33 9.41 -9.95
N TRP B 336 -3.54 10.43 -9.60
CA TRP B 336 -4.08 11.65 -9.01
C TRP B 336 -4.13 12.87 -9.92
N CYS B 337 -5.19 13.64 -9.82
CA CYS B 337 -5.23 14.98 -10.43
C CYS B 337 -5.90 15.94 -9.42
N ALA B 338 -6.32 17.12 -9.86
CA ALA B 338 -6.98 18.07 -8.93
C ALA B 338 -8.05 18.86 -9.66
N ASP B 339 -9.27 18.82 -9.12
CA ASP B 339 -10.44 19.46 -9.74
C ASP B 339 -10.66 20.83 -9.19
N THR B 340 -10.85 21.80 -10.09
CA THR B 340 -11.39 23.10 -9.68
C THR B 340 -12.92 22.92 -9.54
N ALA B 341 -13.60 23.92 -8.96
CA ALA B 341 -15.04 23.78 -8.65
C ALA B 341 -15.92 23.72 -9.90
N ASN B 342 -15.38 24.13 -11.03
CA ASN B 342 -16.10 24.07 -12.31
C ASN B 342 -15.37 23.21 -13.34
N ARG B 343 -14.34 22.51 -12.87
CA ARG B 343 -13.41 21.77 -13.72
C ARG B 343 -12.84 22.55 -14.92
N GLU B 344 -12.64 23.85 -14.72
CA GLU B 344 -11.89 24.66 -15.67
C GLU B 344 -10.45 24.76 -15.17
N PHE B 345 -9.52 24.90 -16.11
CA PHE B 345 -8.10 25.03 -15.78
C PHE B 345 -7.76 26.26 -14.95
N LEU B 346 -6.68 26.14 -14.18
CA LEU B 346 -6.18 27.27 -13.41
C LEU B 346 -4.80 27.66 -13.97
N ILE B 347 -4.80 28.61 -14.90
CA ILE B 347 -3.58 29.02 -15.58
C ILE B 347 -3.57 30.55 -15.60
N ASP B 348 -2.70 31.15 -14.80
CA ASP B 348 -2.76 32.59 -14.57
C ASP B 348 -1.56 33.05 -13.76
N ARG B 349 -1.30 34.37 -13.78
N ARG B 349 -1.32 34.37 -13.80
CA ARG B 349 -0.38 34.98 -12.84
CA ARG B 349 -0.46 35.01 -12.83
C ARG B 349 -1.14 35.11 -11.51
C ARG B 349 -1.20 35.00 -11.50
N HIS B 350 -0.47 34.82 -10.39
CA HIS B 350 -1.10 34.96 -9.07
C HIS B 350 -1.41 36.47 -8.87
N PRO B 351 -2.62 36.82 -8.36
CA PRO B 351 -3.02 38.24 -8.27
C PRO B 351 -2.18 39.06 -7.28
N GLN B 352 -1.56 38.39 -6.32
CA GLN B 352 -0.73 39.06 -5.32
C GLN B 352 0.79 38.80 -5.52
N TYR B 353 1.16 37.55 -5.72
CA TYR B 353 2.55 37.18 -5.96
C TYR B 353 2.87 37.31 -7.43
N HIS B 354 3.37 38.49 -7.77
CA HIS B 354 3.53 38.92 -9.15
C HIS B 354 4.46 38.01 -9.95
N SER B 355 5.42 37.36 -9.27
CA SER B 355 6.38 36.48 -9.94
C SER B 355 5.92 35.02 -10.07
N LEU B 356 4.77 34.69 -9.49
CA LEU B 356 4.26 33.32 -9.55
C LEU B 356 3.29 33.12 -10.73
N VAL B 357 3.45 32.01 -11.45
CA VAL B 357 2.53 31.63 -12.51
C VAL B 357 1.95 30.26 -12.12
N LEU B 358 0.63 30.14 -12.12
CA LEU B 358 -0.04 28.85 -11.88
C LEU B 358 -0.27 28.14 -13.20
N GLY B 359 -0.01 26.84 -13.22
CA GLY B 359 -0.32 25.94 -14.35
C GLY B 359 -0.85 24.65 -13.77
N CYS B 360 -2.08 24.66 -13.30
CA CYS B 360 -2.65 23.49 -12.63
C CYS B 360 -4.18 23.45 -12.73
N GLY B 361 -4.80 22.65 -11.88
CA GLY B 361 -6.27 22.48 -11.95
C GLY B 361 -6.67 21.78 -13.25
N ALA B 362 -5.84 20.84 -13.70
CA ALA B 362 -6.14 20.08 -14.94
C ALA B 362 -7.48 19.29 -14.87
N SER B 363 -8.02 19.15 -13.65
CA SER B 363 -9.36 18.60 -13.41
C SER B 363 -9.62 17.27 -14.10
N GLY B 364 -8.60 16.40 -14.06
CA GLY B 364 -8.72 15.04 -14.58
C GLY B 364 -8.88 14.98 -16.10
N ARG B 365 -8.49 16.04 -16.79
CA ARG B 365 -8.66 16.06 -18.24
C ARG B 365 -7.52 16.73 -18.99
N GLY B 366 -6.36 16.85 -18.35
CA GLY B 366 -5.29 17.65 -18.89
C GLY B 366 -4.29 16.93 -19.78
N PHE B 367 -4.38 15.59 -19.90
CA PHE B 367 -3.30 14.95 -20.65
C PHE B 367 -3.29 15.32 -22.13
N LYS B 368 -4.47 15.38 -22.71
CA LYS B 368 -4.54 15.62 -24.16
C LYS B 368 -3.93 16.98 -24.55
N TYR B 369 -3.81 17.89 -23.58
CA TYR B 369 -3.16 19.19 -23.79
C TYR B 369 -1.62 19.21 -23.68
N LEU B 370 -0.98 18.04 -23.49
CA LEU B 370 0.48 17.99 -23.42
C LEU B 370 1.20 18.76 -24.57
N PRO B 371 0.72 18.58 -25.83
CA PRO B 371 1.45 19.25 -26.93
C PRO B 371 1.38 20.80 -26.95
N SER B 372 0.36 21.37 -26.29
CA SER B 372 -0.01 22.79 -26.44
C SER B 372 -0.13 23.62 -25.16
N ILE B 373 -0.44 22.98 -24.02
CA ILE B 373 -0.76 23.76 -22.82
C ILE B 373 0.40 24.68 -22.34
N GLY B 374 1.63 24.22 -22.53
CA GLY B 374 2.85 25.02 -22.20
C GLY B 374 2.81 26.39 -22.85
N ASN B 375 2.29 26.46 -24.08
CA ASN B 375 2.16 27.75 -24.76
C ASN B 375 1.24 28.73 -24.05
N LEU B 376 0.15 28.19 -23.50
CA LEU B 376 -0.83 28.98 -22.77
C LEU B 376 -0.24 29.42 -21.43
N ILE B 377 0.48 28.49 -20.79
CA ILE B 377 1.15 28.79 -19.51
C ILE B 377 2.23 29.87 -19.70
N VAL B 378 3.00 29.77 -20.77
CA VAL B 378 3.97 30.81 -21.12
C VAL B 378 3.26 32.15 -21.45
N ASP B 379 2.18 32.10 -22.24
CA ASP B 379 1.39 33.31 -22.55
C ASP B 379 0.93 34.02 -21.25
N ALA B 380 0.51 33.21 -20.26
CA ALA B 380 0.08 33.73 -18.99
C ALA B 380 1.22 34.49 -18.31
N MSE B 381 2.41 33.90 -18.30
CA MSE B 381 3.60 34.54 -17.75
C MSE B 381 3.87 35.87 -18.48
O MSE B 381 4.13 36.86 -17.83
CB MSE B 381 4.82 33.62 -17.86
CG MSE B 381 6.02 34.08 -17.07
SE MSE B 381 7.15 35.26 -18.20
CE MSE B 381 7.94 33.89 -19.35
N GLU B 382 3.80 35.82 -19.81
CA GLU B 382 4.15 36.96 -20.68
C GLU B 382 3.05 38.02 -20.80
N GLY B 383 1.86 37.70 -20.32
CA GLY B 383 0.70 38.60 -20.36
C GLY B 383 0.02 38.65 -21.73
N LYS B 384 0.02 37.52 -22.44
CA LYS B 384 -0.48 37.42 -23.81
C LYS B 384 -1.76 36.58 -24.01
N VAL B 385 -2.40 36.17 -22.92
CA VAL B 385 -3.63 35.38 -23.05
C VAL B 385 -4.78 36.30 -23.50
N PRO B 386 -5.46 35.96 -24.61
CA PRO B 386 -6.68 36.68 -25.03
C PRO B 386 -7.70 36.72 -23.89
N GLN B 387 -8.33 37.88 -23.69
CA GLN B 387 -9.35 38.08 -22.63
C GLN B 387 -10.39 36.96 -22.53
N LYS B 388 -10.88 36.51 -23.68
CA LYS B 388 -11.91 35.48 -23.78
C LYS B 388 -11.45 34.16 -23.14
N ILE B 389 -10.20 33.80 -23.41
CA ILE B 389 -9.60 32.58 -22.88
C ILE B 389 -9.27 32.77 -21.40
N HIS B 390 -8.67 33.91 -21.09
CA HIS B 390 -8.34 34.28 -19.70
C HIS B 390 -9.56 34.16 -18.79
N GLU B 391 -10.71 34.63 -19.28
CA GLU B 391 -11.95 34.62 -18.50
C GLU B 391 -12.20 33.26 -17.85
N LEU B 392 -11.93 32.19 -18.59
CA LEU B 392 -12.29 30.85 -18.13
C LEU B 392 -11.23 30.16 -17.25
N ILE B 393 -9.97 30.55 -17.42
CA ILE B 393 -8.84 29.85 -16.77
C ILE B 393 -8.19 30.67 -15.65
N LYS B 394 -8.73 31.86 -15.39
CA LYS B 394 -8.06 32.75 -14.43
C LYS B 394 -8.21 32.26 -13.00
N TRP B 395 -7.34 32.75 -12.12
CA TRP B 395 -7.53 32.65 -10.68
C TRP B 395 -8.98 32.99 -10.29
N ASN B 396 -9.62 32.10 -9.55
CA ASN B 396 -11.07 32.12 -9.34
C ASN B 396 -11.46 31.63 -7.93
N PRO B 397 -10.95 32.32 -6.87
CA PRO B 397 -11.33 31.89 -5.52
C PRO B 397 -12.82 32.07 -5.26
N ASP B 398 -13.47 32.99 -5.98
CA ASP B 398 -14.92 33.23 -5.78
C ASP B 398 -15.71 31.91 -5.81
N ILE B 399 -15.51 31.06 -6.83
CA ILE B 399 -16.34 29.84 -6.93
C ILE B 399 -16.04 28.82 -5.87
N ALA B 400 -14.87 28.95 -5.26
CA ALA B 400 -14.40 27.96 -4.32
C ALA B 400 -14.63 28.35 -2.84
N ALA B 401 -15.15 29.55 -2.58
CA ALA B 401 -15.22 30.10 -1.20
C ALA B 401 -15.99 29.24 -0.20
N ASN B 402 -16.97 28.49 -0.70
CA ASN B 402 -17.74 27.56 0.13
C ASN B 402 -18.19 26.44 -0.81
N ARG B 403 -17.21 25.78 -1.44
CA ARG B 403 -17.52 24.79 -2.49
C ARG B 403 -18.06 23.49 -1.93
N ASN B 404 -18.80 22.76 -2.74
CA ASN B 404 -19.25 21.44 -2.36
C ASN B 404 -18.12 20.43 -2.65
N TRP B 405 -17.41 19.99 -1.61
CA TRP B 405 -16.24 19.11 -1.80
C TRP B 405 -16.61 17.72 -2.37
N ARG B 406 -17.89 17.34 -2.23
CA ARG B 406 -18.36 16.04 -2.73
C ARG B 406 -19.14 16.20 -4.05
N ASP B 407 -19.00 17.35 -4.70
CA ASP B 407 -19.62 17.60 -6.02
C ASP B 407 -19.07 16.54 -6.99
N THR B 408 -19.97 15.80 -7.64
CA THR B 408 -19.50 14.76 -8.59
C THR B 408 -19.00 15.34 -9.93
N LEU B 409 -19.26 16.63 -10.17
CA LEU B 409 -18.66 17.39 -11.28
C LEU B 409 -18.77 16.73 -12.66
N GLY B 410 -19.95 16.18 -12.95
CA GLY B 410 -20.25 15.59 -14.25
C GLY B 410 -19.67 14.20 -14.45
N ARG B 411 -19.25 13.56 -13.37
CA ARG B 411 -18.73 12.20 -13.48
C ARG B 411 -19.75 11.24 -12.90
N PHE B 412 -19.70 10.00 -13.38
CA PHE B 412 -20.66 8.97 -13.01
C PHE B 412 -19.93 7.67 -12.75
N GLY B 413 -20.65 6.65 -12.30
CA GLY B 413 -20.06 5.35 -12.05
C GLY B 413 -20.03 4.98 -10.59
N GLY B 414 -19.96 3.68 -10.33
CA GLY B 414 -19.90 3.14 -8.97
C GLY B 414 -21.09 3.66 -8.17
N PRO B 415 -20.83 4.23 -6.97
CA PRO B 415 -21.90 4.69 -6.08
C PRO B 415 -22.42 6.08 -6.48
N ASN B 416 -21.92 6.62 -7.58
CA ASN B 416 -22.29 7.98 -7.99
C ASN B 416 -22.13 9.01 -6.88
N ARG B 417 -21.06 8.84 -6.11
CA ARG B 417 -20.66 9.85 -5.17
C ARG B 417 -19.13 9.90 -5.19
N VAL B 418 -18.59 11.03 -4.76
CA VAL B 418 -17.15 11.15 -4.54
C VAL B 418 -16.80 10.37 -3.28
N MSE B 419 -15.92 9.40 -3.43
CA MSE B 419 -15.52 8.50 -2.37
C MSE B 419 -14.28 9.02 -1.65
O MSE B 419 -13.72 10.05 -2.05
CB MSE B 419 -15.27 7.11 -2.98
CG MSE B 419 -16.55 6.42 -3.51
SE MSE B 419 -16.12 4.98 -4.79
CE MSE B 419 -15.25 6.08 -6.15
N ASP B 420 -13.87 8.34 -0.59
CA ASP B 420 -12.67 8.73 0.15
C ASP B 420 -11.85 7.50 0.52
N PHE B 421 -10.52 7.60 0.41
CA PHE B 421 -9.66 6.45 0.71
C PHE B 421 -9.74 5.96 2.15
N HIS B 422 -10.13 6.85 3.07
CA HIS B 422 -10.36 6.47 4.46
C HIS B 422 -11.41 5.40 4.64
N ASP B 423 -12.36 5.32 3.70
CA ASP B 423 -13.42 4.31 3.73
C ASP B 423 -13.04 2.95 3.11
N VAL B 424 -11.93 2.92 2.37
CA VAL B 424 -11.50 1.72 1.68
C VAL B 424 -10.95 0.71 2.70
N LYS B 425 -11.61 -0.44 2.79
CA LYS B 425 -11.20 -1.50 3.71
C LYS B 425 -10.08 -2.38 3.18
N GLU B 426 -10.15 -2.71 1.88
CA GLU B 426 -9.27 -3.73 1.29
C GLU B 426 -8.70 -3.22 -0.02
N TRP B 427 -7.39 -3.42 -0.20
CA TRP B 427 -6.72 -3.09 -1.45
C TRP B 427 -6.40 -4.37 -2.21
N THR B 428 -6.26 -4.24 -3.54
CA THR B 428 -5.70 -5.32 -4.36
C THR B 428 -4.29 -5.64 -3.88
N ASN B 429 -3.82 -6.81 -4.29
CA ASN B 429 -2.50 -7.30 -3.92
C ASN B 429 -1.82 -7.75 -5.21
N VAL B 430 -1.48 -6.78 -6.06
CA VAL B 430 -0.92 -7.03 -7.38
C VAL B 430 0.58 -6.77 -7.37
N GLN B 431 1.31 -7.47 -8.25
CA GLN B 431 2.76 -7.31 -8.36
C GLN B 431 3.18 -5.84 -8.49
N TYR B 432 4.21 -5.45 -7.78
CA TYR B 432 4.79 -4.12 -7.93
C TYR B 432 5.56 -3.93 -9.25
N ARG B 433 5.40 -2.76 -9.86
CA ARG B 433 6.22 -2.34 -11.01
C ARG B 433 6.65 -0.90 -10.73
N ASP B 434 7.91 -0.59 -10.99
CA ASP B 434 8.40 0.76 -10.86
C ASP B 434 8.16 1.48 -12.18
N ILE B 435 7.14 2.32 -12.23
CA ILE B 435 6.83 2.95 -13.51
C ILE B 435 7.73 4.13 -13.90
N SER B 436 8.67 4.50 -13.03
CA SER B 436 9.71 5.50 -13.37
C SER B 436 10.87 4.86 -14.13
N LYS B 437 10.90 3.53 -14.20
CA LYS B 437 11.98 2.83 -14.90
C LYS B 437 11.58 2.53 -16.35
N LEU B 438 12.38 3.03 -17.28
CA LEU B 438 12.12 2.80 -18.71
C LEU B 438 12.92 1.60 -19.24
PA FAD C . 3.94 -7.63 18.10
O1A FAD C . 3.02 -7.83 16.95
O2A FAD C . 5.39 -7.81 17.90
O5B FAD C . 3.66 -6.11 18.51
C5B FAD C . 4.33 -5.49 19.58
C4B FAD C . 4.25 -3.99 19.31
O4B FAD C . 4.83 -3.38 20.50
C3B FAD C . 5.17 -3.60 18.13
O3B FAD C . 4.38 -2.98 17.13
C2B FAD C . 6.16 -2.61 18.77
O2B FAD C . 6.47 -1.48 17.90
C1B FAD C . 5.39 -2.19 20.06
N9A FAD C . 6.33 -1.47 20.98
C8A FAD C . 7.62 -1.78 21.25
N7A FAD C . 8.10 -0.86 22.11
C5A FAD C . 7.12 0.03 22.36
C6A FAD C . 7.03 1.18 23.15
N6A FAD C . 8.11 1.64 23.81
N1A FAD C . 5.86 1.84 23.19
C2A FAD C . 4.78 1.41 22.51
N3A FAD C . 4.83 0.31 21.76
C4A FAD C . 5.99 -0.39 21.67
N1 FAD C . 2.25 -16.96 14.73
C2 FAD C . 1.28 -17.70 14.05
O2 FAD C . 0.12 -17.70 14.46
N3 FAD C . 1.65 -18.43 12.91
C4 FAD C . 2.99 -18.47 12.47
O4 FAD C . 3.30 -19.11 11.46
C4X FAD C . 3.95 -17.72 13.16
N5 FAD C . 5.28 -17.74 12.72
C5X FAD C . 6.19 -16.82 13.29
C6 FAD C . 7.44 -16.67 12.71
C7 FAD C . 8.32 -15.73 13.23
C7M FAD C . 9.71 -15.56 12.61
C8 FAD C . 7.95 -14.98 14.35
C8M FAD C . 8.85 -13.93 14.99
C9 FAD C . 6.69 -15.10 14.92
C9A FAD C . 5.80 -16.04 14.39
N10 FAD C . 4.53 -16.20 14.96
C10 FAD C . 3.57 -16.97 14.28
C1' FAD C . 4.16 -15.60 16.25
C2' FAD C . 3.44 -14.25 16.06
O2' FAD C . 4.09 -13.50 15.03
C3' FAD C . 3.51 -13.43 17.35
O3' FAD C . 3.24 -14.28 18.46
C4' FAD C . 2.51 -12.27 17.35
O4' FAD C . 2.60 -11.54 16.17
C5' FAD C . 2.92 -11.34 18.50
O5' FAD C . 1.96 -10.31 18.65
P FAD C . 2.13 -9.19 19.77
O1P FAD C . 2.32 -9.79 21.12
O2P FAD C . 1.06 -8.20 19.52
O3P FAD C . 3.58 -8.51 19.39
PA FAD D . 1.13 15.54 -13.18
O1A FAD D . 1.42 15.11 -14.56
O2A FAD D . 0.64 14.55 -12.18
O5B FAD D . 2.48 16.18 -12.70
C5B FAD D . 2.64 16.72 -11.38
C4B FAD D . 4.13 16.55 -11.04
O4B FAD D . 4.33 17.26 -9.80
C3B FAD D . 4.56 15.08 -10.80
O3B FAD D . 5.57 14.70 -11.76
C2B FAD D . 5.12 15.12 -9.38
O2B FAD D . 6.28 14.25 -9.16
C1B FAD D . 5.43 16.67 -9.20
N9A FAD D . 5.60 16.96 -7.76
C8A FAD D . 4.91 16.44 -6.72
N7A FAD D . 5.42 16.93 -5.57
C5A FAD D . 6.43 17.75 -5.89
C6A FAD D . 7.34 18.53 -5.15
N6A FAD D . 7.30 18.55 -3.81
N1A FAD D . 8.24 19.28 -5.83
C2A FAD D . 8.32 19.28 -7.16
N3A FAD D . 7.48 18.53 -7.89
C4A FAD D . 6.53 17.77 -7.27
N1 FAD D . -6.50 13.24 -19.43
C2 FAD D . -6.80 13.17 -20.79
O2 FAD D . -6.57 14.13 -21.51
N3 FAD D . -7.34 11.98 -21.32
C4 FAD D . -7.63 10.89 -20.49
O4 FAD D . -8.12 9.85 -20.94
C4X FAD D . -7.35 10.97 -19.13
N5 FAD D . -7.62 9.88 -18.29
C5X FAD D . -7.04 9.86 -17.02
C6 FAD D . -7.07 8.69 -16.27
C7 FAD D . -6.51 8.64 -15.00
C7M FAD D . -6.55 7.31 -14.24
C8 FAD D . -5.92 9.78 -14.45
C8M FAD D . -5.24 9.70 -13.05
C9 FAD D . -5.89 10.97 -15.18
C9A FAD D . -6.45 11.01 -16.49
N10 FAD D . -6.46 12.19 -17.26
C10 FAD D . -6.78 12.12 -18.62
C1' FAD D . -6.09 13.49 -16.69
C2' FAD D . -4.58 13.78 -16.88
O2' FAD D . -3.77 12.60 -16.66
C3' FAD D . -4.13 14.87 -15.89
O3' FAD D . -5.12 15.91 -15.87
C4' FAD D . -2.76 15.45 -16.26
O4' FAD D . -1.80 14.40 -16.58
C5' FAD D . -2.26 16.29 -15.09
O5' FAD D . -1.04 16.89 -15.39
P FAD D . -0.29 17.85 -14.33
O1P FAD D . -1.22 18.84 -13.73
O2P FAD D . 0.97 18.30 -14.97
O3P FAD D . 0.07 16.75 -13.16
#